data_7AOV
#
_entry.id   7AOV
#
_cell.length_a   47.760
_cell.length_b   188.128
_cell.length_c   47.773
_cell.angle_alpha   90.000
_cell.angle_beta   102.659
_cell.angle_gamma   90.000
#
_symmetry.space_group_name_H-M   'P 1 21 1'
#
loop_
_entity.id
_entity.type
_entity.pdbx_description
1 polymer 'Transient receptor potential cation channel subfamily M member 2'
2 non-polymer 'ZINC ION'
3 water water
#
_entity_poly.entity_id   1
_entity_poly.type   'polypeptide(L)'
_entity_poly.pdbx_seq_one_letter_code
;GH(MSE)LE(MSE)LGTSGVKIHPNGNSNQLGVQLENVKLTSLFKKLDKRCSLASWIKENIKKKECCFYVEDGREGICKC
GYPKVQHCDEAIKPEDY(MSE)GEQWDKHRHVRETPTDAFGDISFGGLGQKTGKYVRVSSDTSCENLYQL(MSE)TEQWK
LRSPNLLISVTGGAKNFYIKTHLKDKFRRGLIKVAQTTGAWILTGGTHAGV(MSE)KHVG(MSE)AVRDYTLSSGS
(MSE)EGQIVVIGVAPWGVIHNRSTLIHPEGRFPAYYSLDEQGQGRLSCLDINHTHFLLVDDGTQGHYGVEIELRARLEK
LISKLSLGNRESGVTIPVVCVVLDGGPGTLNTIYNS(MSE)LNHTPCVVLEGSGRLADVIAHVASVPVSKVT(MSE)ALI
NRLLKRFF(MSE)QEYKNFTELQIIEWTKKIQDILR(MSE)PHLLTVFRIDEDKNYDVDVAILQALLKASRS
;
_entity_poly.pdbx_strand_id   A,B
#
loop_
_chem_comp.id
_chem_comp.type
_chem_comp.name
_chem_comp.formula
ZN non-polymer 'ZINC ION' 'Zn 2'
#
# COMPACT_ATOMS: atom_id res chain seq x y z
N LYS A 38 -2.88 -11.16 17.21
CA LYS A 38 -1.58 -10.56 17.43
C LYS A 38 -1.37 -9.36 16.50
N LEU A 39 -0.40 -8.53 16.87
CA LEU A 39 -0.10 -7.28 16.21
C LEU A 39 1.06 -7.38 15.24
N ASP A 40 1.81 -8.48 15.29
CA ASP A 40 2.91 -8.70 14.37
C ASP A 40 2.38 -8.82 12.95
N LYS A 41 3.06 -8.14 12.00
CA LYS A 41 2.65 -8.16 10.61
C LYS A 41 2.67 -9.57 10.04
N ARG A 42 3.63 -10.39 10.47
CA ARG A 42 3.74 -11.74 9.95
C ARG A 42 2.64 -12.63 10.50
N CYS A 43 2.27 -12.45 11.77
CA CYS A 43 1.27 -13.32 12.38
C CYS A 43 -0.14 -12.95 12.00
N SER A 44 -0.43 -11.65 11.78
CA SER A 44 -1.75 -11.32 11.25
C SER A 44 -1.92 -11.82 9.82
N LEU A 45 -0.86 -11.78 9.02
CA LEU A 45 -0.92 -12.38 7.68
C LEU A 45 -1.12 -13.89 7.77
N ALA A 46 -0.32 -14.56 8.60
CA ALA A 46 -0.44 -15.99 8.79
C ALA A 46 -1.85 -16.37 9.22
N SER A 47 -2.41 -15.64 10.20
CA SER A 47 -3.77 -15.93 10.66
C SER A 47 -4.78 -15.76 9.53
N TRP A 48 -4.70 -14.64 8.80
CA TRP A 48 -5.68 -14.42 7.73
C TRP A 48 -5.57 -15.50 6.66
N ILE A 49 -4.34 -15.85 6.25
CA ILE A 49 -4.14 -16.85 5.19
C ILE A 49 -4.62 -18.23 5.64
N LYS A 50 -4.22 -18.66 6.84
CA LYS A 50 -4.68 -19.96 7.30
C LYS A 50 -6.18 -20.03 7.49
N GLU A 51 -6.84 -18.89 7.72
CA GLU A 51 -8.29 -18.88 7.91
C GLU A 51 -9.06 -18.79 6.61
N ASN A 52 -8.47 -18.23 5.55
CA ASN A 52 -9.23 -17.86 4.36
C ASN A 52 -8.76 -18.51 3.09
N ILE A 53 -7.48 -18.81 2.93
CA ILE A 53 -6.96 -19.35 1.68
C ILE A 53 -6.86 -20.87 1.77
N LYS A 54 -7.27 -21.56 0.72
CA LYS A 54 -7.28 -23.02 0.69
C LYS A 54 -6.25 -23.56 -0.31
N LYS A 55 -5.80 -24.79 -0.06
CA LYS A 55 -5.16 -25.63 -1.06
C LYS A 55 -6.20 -26.63 -1.53
N LYS A 56 -5.85 -27.38 -2.57
CA LYS A 56 -6.69 -28.46 -3.03
C LYS A 56 -5.95 -29.77 -2.85
N GLU A 57 -6.67 -30.80 -2.40
CA GLU A 57 -6.14 -32.15 -2.30
C GLU A 57 -7.12 -33.14 -2.89
N CYS A 58 -6.57 -34.11 -3.64
CA CYS A 58 -7.33 -35.25 -4.12
C CYS A 58 -7.91 -36.07 -2.99
N CYS A 59 -9.19 -36.44 -3.13
CA CYS A 59 -9.87 -37.25 -2.14
C CYS A 59 -10.39 -38.56 -2.74
N PHE A 60 -9.79 -39.01 -3.84
CA PHE A 60 -10.25 -40.22 -4.52
C PHE A 60 -9.05 -40.76 -5.31
N TYR A 61 -8.32 -41.72 -4.72
CA TYR A 61 -7.14 -42.28 -5.35
C TYR A 61 -7.56 -43.25 -6.44
N VAL A 62 -7.27 -42.93 -7.70
CA VAL A 62 -7.61 -43.80 -8.82
C VAL A 62 -6.46 -43.78 -9.81
N GLU A 63 -5.94 -44.95 -10.13
CA GLU A 63 -4.77 -45.00 -10.97
C GLU A 63 -5.15 -44.75 -12.42
N ASP A 64 -4.13 -44.43 -13.23
CA ASP A 64 -4.32 -44.00 -14.60
C ASP A 64 -3.33 -44.72 -15.52
N GLY A 65 -3.30 -46.05 -15.43
CA GLY A 65 -2.46 -46.88 -16.29
C GLY A 65 -1.09 -47.19 -15.74
N ARG A 66 -0.71 -46.61 -14.59
CA ARG A 66 0.59 -46.86 -13.99
C ARG A 66 0.41 -47.10 -12.49
N GLU A 67 0.97 -48.19 -11.99
CA GLU A 67 0.82 -48.53 -10.58
C GLU A 67 1.43 -47.45 -9.69
N GLY A 68 0.71 -47.07 -8.64
CA GLY A 68 1.24 -46.19 -7.62
C GLY A 68 1.09 -44.72 -7.89
N ILE A 69 0.56 -44.32 -9.06
CA ILE A 69 0.32 -42.92 -9.38
C ILE A 69 -1.16 -42.74 -9.70
N CYS A 70 -1.79 -41.81 -9.00
CA CYS A 70 -3.18 -41.43 -9.18
C CYS A 70 -3.38 -40.61 -10.45
N LYS A 71 -4.62 -40.55 -10.91
CA LYS A 71 -4.93 -39.63 -11.99
C LYS A 71 -4.60 -38.18 -11.63
N CYS A 72 -4.64 -37.81 -10.35
CA CYS A 72 -4.21 -36.46 -9.97
C CYS A 72 -2.71 -36.25 -10.16
N GLY A 73 -1.93 -37.31 -10.41
CA GLY A 73 -0.50 -37.16 -10.59
C GLY A 73 0.33 -37.39 -9.34
N TYR A 74 -0.30 -37.48 -8.15
CA TYR A 74 0.50 -37.72 -6.96
C TYR A 74 0.61 -39.22 -6.68
N PRO A 75 1.72 -39.67 -6.11
CA PRO A 75 1.81 -41.06 -5.67
C PRO A 75 0.78 -41.37 -4.59
N LYS A 76 0.49 -42.67 -4.48
CA LYS A 76 -0.48 -43.15 -3.50
C LYS A 76 -0.08 -42.77 -2.08
N VAL A 77 1.22 -42.92 -1.74
CA VAL A 77 1.69 -42.63 -0.38
C VAL A 77 1.50 -41.16 -0.03
N GLN A 78 1.40 -40.28 -1.02
CA GLN A 78 1.16 -38.87 -0.75
C GLN A 78 -0.32 -38.52 -0.71
N HIS A 79 -1.21 -39.50 -0.57
CA HIS A 79 -2.62 -39.23 -0.46
C HIS A 79 -3.07 -39.36 0.98
N CYS A 80 -4.12 -38.64 1.33
CA CYS A 80 -4.74 -38.86 2.63
C CYS A 80 -5.40 -40.24 2.63
N ASP A 81 -5.55 -40.80 3.83
CA ASP A 81 -6.13 -42.13 3.92
C ASP A 81 -7.58 -42.13 3.46
N GLU A 82 -8.27 -41.00 3.63
CA GLU A 82 -9.66 -40.90 3.18
C GLU A 82 -9.76 -41.05 1.66
N ALA A 83 -8.71 -40.70 0.92
CA ALA A 83 -8.73 -40.87 -0.52
C ALA A 83 -8.73 -42.34 -0.93
N ILE A 84 -8.37 -43.24 -0.03
CA ILE A 84 -8.29 -44.66 -0.40
C ILE A 84 -9.68 -45.27 -0.28
N LYS A 85 -10.24 -45.68 -1.42
CA LYS A 85 -11.53 -46.34 -1.54
C LYS A 85 -12.66 -45.67 -0.71
N PRO A 86 -12.87 -44.36 -0.88
CA PRO A 86 -14.01 -43.74 -0.19
C PRO A 86 -15.32 -44.24 -0.79
N GLU A 87 -16.24 -44.63 0.08
CA GLU A 87 -17.46 -45.25 -0.42
C GLU A 87 -18.36 -44.27 -1.15
N ASP A 88 -18.08 -42.97 -1.07
CA ASP A 88 -18.88 -41.99 -1.79
C ASP A 88 -18.70 -42.10 -3.30
N TYR A 89 -17.55 -42.62 -3.75
CA TYR A 89 -17.15 -42.46 -5.16
C TYR A 89 -16.94 -43.79 -5.85
N MSE A 90 -17.41 -44.89 -5.26
CA MSE A 90 -17.24 -46.22 -5.81
C MSE A 90 -17.66 -46.32 -7.26
O MSE A 90 -18.69 -45.78 -7.66
CB MSE A 90 -18.03 -47.22 -4.97
CG MSE A 90 -17.47 -47.41 -3.58
SE MSE A 90 -15.73 -48.32 -3.52
CE MSE A 90 -14.49 -46.84 -3.68
N GLY A 91 -16.82 -47.00 -8.05
CA GLY A 91 -17.13 -47.22 -9.45
C GLY A 91 -17.07 -46.00 -10.33
N GLU A 92 -16.63 -44.86 -9.81
CA GLU A 92 -16.69 -43.61 -10.56
C GLU A 92 -15.40 -43.35 -11.34
N GLN A 93 -15.55 -42.61 -12.43
CA GLN A 93 -14.42 -42.08 -13.18
C GLN A 93 -13.86 -40.85 -12.46
N TRP A 94 -12.56 -40.86 -12.19
CA TRP A 94 -11.94 -39.73 -11.51
C TRP A 94 -12.15 -38.44 -12.30
N ASP A 95 -12.40 -37.37 -11.57
CA ASP A 95 -12.85 -36.10 -12.14
C ASP A 95 -12.35 -34.99 -11.23
N LYS A 96 -11.51 -34.11 -11.76
CA LYS A 96 -10.85 -33.11 -10.93
C LYS A 96 -11.82 -32.10 -10.34
N HIS A 97 -13.03 -31.97 -10.88
CA HIS A 97 -13.98 -31.01 -10.34
C HIS A 97 -14.90 -31.61 -9.29
N ARG A 98 -14.88 -32.92 -9.12
CA ARG A 98 -15.71 -33.58 -8.11
C ARG A 98 -14.91 -34.29 -7.01
N HIS A 99 -13.66 -34.67 -7.26
CA HIS A 99 -12.92 -35.51 -6.33
C HIS A 99 -11.70 -34.83 -5.71
N VAL A 100 -11.55 -33.53 -5.87
CA VAL A 100 -10.59 -32.77 -5.08
C VAL A 100 -11.39 -31.86 -4.16
N ARG A 101 -10.86 -31.63 -2.97
CA ARG A 101 -11.50 -30.82 -1.95
C ARG A 101 -10.52 -29.77 -1.47
N GLU A 102 -11.07 -28.67 -0.96
CA GLU A 102 -10.27 -27.54 -0.47
C GLU A 102 -10.16 -27.59 1.04
N THR A 103 -8.95 -27.39 1.55
CA THR A 103 -8.64 -27.31 2.97
C THR A 103 -7.64 -26.17 3.17
N PRO A 104 -7.47 -25.70 4.42
CA PRO A 104 -6.55 -24.58 4.65
C PRO A 104 -5.19 -24.81 4.01
N THR A 105 -4.64 -23.76 3.42
CA THR A 105 -3.39 -23.94 2.70
C THR A 105 -2.24 -24.11 3.68
N ASP A 106 -1.20 -24.79 3.21
CA ASP A 106 -0.07 -25.18 4.06
C ASP A 106 1.25 -24.65 3.53
N ALA A 107 1.22 -23.64 2.66
CA ALA A 107 2.45 -23.11 2.11
C ALA A 107 2.25 -21.62 1.85
N PHE A 108 2.88 -20.80 2.68
CA PHE A 108 2.71 -19.37 2.55
C PHE A 108 3.79 -18.68 3.37
N GLY A 109 4.02 -17.41 3.03
CA GLY A 109 4.93 -16.61 3.83
C GLY A 109 5.92 -15.84 2.98
N ASP A 110 7.14 -15.69 3.50
CA ASP A 110 8.23 -15.04 2.78
C ASP A 110 9.13 -16.10 2.17
N ILE A 111 9.72 -15.76 1.03
CA ILE A 111 10.57 -16.71 0.31
C ILE A 111 11.93 -16.05 0.09
N SER A 112 12.98 -16.75 0.45
CA SER A 112 14.33 -16.29 0.27
C SER A 112 15.00 -17.18 -0.76
N PHE A 113 15.60 -16.56 -1.77
CA PHE A 113 16.41 -17.29 -2.74
C PHE A 113 17.89 -17.30 -2.38
N GLY A 114 18.23 -16.85 -1.19
CA GLY A 114 19.57 -17.05 -0.68
C GLY A 114 20.65 -16.22 -1.35
N GLY A 115 20.28 -15.27 -2.22
CA GLY A 115 21.24 -14.32 -2.74
C GLY A 115 21.73 -13.42 -1.60
N LEU A 116 22.63 -12.51 -1.94
CA LEU A 116 23.28 -11.65 -0.94
C LEU A 116 22.67 -10.25 -0.95
N GLY A 117 22.11 -9.82 0.18
CA GLY A 117 21.39 -8.55 0.16
C GLY A 117 20.13 -8.60 -0.68
N GLN A 118 19.53 -9.78 -0.79
CA GLN A 118 18.31 -9.98 -1.56
C GLN A 118 17.12 -9.87 -0.62
N LYS A 119 16.22 -8.94 -0.92
CA LYS A 119 14.96 -8.83 -0.18
C LYS A 119 14.12 -10.08 -0.43
N THR A 120 13.54 -10.63 0.63
CA THR A 120 12.68 -11.79 0.48
C THR A 120 11.46 -11.45 -0.37
N GLY A 121 10.95 -12.43 -1.10
CA GLY A 121 9.67 -12.31 -1.77
C GLY A 121 8.56 -12.86 -0.89
N LYS A 122 7.35 -12.86 -1.44
CA LYS A 122 6.17 -13.35 -0.74
C LYS A 122 5.44 -14.38 -1.61
N TYR A 123 4.86 -15.39 -0.97
CA TYR A 123 4.21 -16.43 -1.76
C TYR A 123 3.02 -16.99 -0.99
N VAL A 124 2.08 -17.57 -1.71
CA VAL A 124 1.00 -18.35 -1.09
C VAL A 124 0.54 -19.39 -2.10
N ARG A 125 0.43 -20.64 -1.63
CA ARG A 125 -0.26 -21.67 -2.39
C ARG A 125 -1.75 -21.40 -2.33
N VAL A 126 -2.40 -21.20 -3.49
CA VAL A 126 -3.80 -20.79 -3.54
C VAL A 126 -4.60 -21.77 -4.39
N SER A 127 -5.79 -22.13 -3.90
CA SER A 127 -6.67 -22.96 -4.69
C SER A 127 -7.00 -22.27 -6.00
N SER A 128 -7.07 -23.07 -7.08
CA SER A 128 -7.53 -22.56 -8.37
C SER A 128 -8.92 -21.93 -8.30
N ASP A 129 -9.72 -22.29 -7.30
CA ASP A 129 -11.06 -21.74 -7.14
C ASP A 129 -11.10 -20.61 -6.12
N THR A 130 -9.95 -20.06 -5.75
CA THR A 130 -9.91 -18.93 -4.81
C THR A 130 -10.72 -17.78 -5.37
N SER A 131 -11.59 -17.20 -4.54
CA SER A 131 -12.50 -16.17 -5.00
C SER A 131 -11.74 -14.90 -5.35
N CYS A 132 -12.34 -14.10 -6.24
CA CYS A 132 -11.74 -12.82 -6.59
C CYS A 132 -11.62 -11.93 -5.36
N GLU A 133 -12.61 -11.98 -4.47
CA GLU A 133 -12.53 -11.13 -3.28
C GLU A 133 -11.38 -11.56 -2.38
N ASN A 134 -11.15 -12.86 -2.23
CA ASN A 134 -10.05 -13.31 -1.41
C ASN A 134 -8.70 -12.98 -2.04
N LEU A 135 -8.62 -13.05 -3.38
CA LEU A 135 -7.39 -12.65 -4.04
C LEU A 135 -7.11 -11.15 -3.88
N TYR A 136 -8.17 -10.33 -3.98
CA TYR A 136 -8.03 -8.89 -3.78
C TYR A 136 -7.57 -8.57 -2.37
N GLN A 137 -8.22 -9.15 -1.37
CA GLN A 137 -7.84 -8.89 0.02
C GLN A 137 -6.40 -9.35 0.29
N LEU A 138 -6.04 -10.54 -0.17
CA LEU A 138 -4.67 -11.01 0.02
C LEU A 138 -3.68 -10.00 -0.52
N MSE A 139 -3.91 -9.53 -1.74
CA MSE A 139 -2.93 -8.70 -2.42
C MSE A 139 -2.87 -7.29 -1.90
O MSE A 139 -1.80 -6.70 -1.81
CB MSE A 139 -3.24 -8.66 -3.91
CG MSE A 139 -2.60 -9.79 -4.63
SE MSE A 139 -2.87 -9.46 -6.52
CE MSE A 139 -4.58 -10.19 -6.65
N THR A 140 -4.02 -6.73 -1.55
CA THR A 140 -4.04 -5.33 -1.16
C THR A 140 -3.98 -5.12 0.35
N GLU A 141 -4.48 -6.07 1.14
CA GLU A 141 -4.55 -5.87 2.58
C GLU A 141 -3.59 -6.75 3.37
N GLN A 142 -3.12 -7.87 2.82
CA GLN A 142 -2.14 -8.70 3.50
C GLN A 142 -0.74 -8.47 2.92
N TRP A 143 -0.59 -8.66 1.61
CA TRP A 143 0.65 -8.30 0.94
C TRP A 143 0.88 -6.80 0.90
N LYS A 144 -0.16 -6.00 1.17
CA LYS A 144 -0.09 -4.52 1.19
C LYS A 144 0.32 -3.93 -0.15
N LEU A 145 0.00 -4.58 -1.25
CA LEU A 145 0.38 -4.07 -2.55
C LEU A 145 -0.31 -2.73 -2.80
N ARG A 146 0.48 -1.74 -3.23
CA ARG A 146 -0.08 -0.45 -3.61
C ARG A 146 -0.78 -0.58 -4.96
N SER A 147 -2.02 -0.09 -5.03
CA SER A 147 -2.80 -0.20 -6.24
C SER A 147 -2.12 0.52 -7.41
N PRO A 148 -2.14 -0.07 -8.60
CA PRO A 148 -1.36 0.48 -9.72
C PRO A 148 -2.19 1.31 -10.69
N ASN A 149 -1.54 2.15 -11.50
CA ASN A 149 -2.26 2.86 -12.55
C ASN A 149 -2.33 2.04 -13.82
N LEU A 150 -1.70 0.89 -13.84
CA LEU A 150 -1.53 0.09 -15.05
C LEU A 150 -1.13 -1.31 -14.65
N LEU A 151 -1.67 -2.30 -15.36
CA LEU A 151 -1.19 -3.67 -15.24
C LEU A 151 -0.48 -4.04 -16.54
N ILE A 152 0.76 -4.50 -16.43
CA ILE A 152 1.50 -5.00 -17.59
C ILE A 152 1.52 -6.51 -17.47
N SER A 153 0.73 -7.16 -18.31
CA SER A 153 0.69 -8.62 -18.32
C SER A 153 1.65 -9.11 -19.39
N VAL A 154 2.68 -9.86 -19.00
CA VAL A 154 3.69 -10.34 -19.93
C VAL A 154 3.49 -11.82 -20.19
N THR A 155 3.45 -12.21 -21.47
CA THR A 155 3.18 -13.59 -21.81
C THR A 155 4.07 -14.01 -22.97
N GLY A 156 4.06 -15.31 -23.28
CA GLY A 156 4.90 -15.78 -24.35
C GLY A 156 5.64 -17.08 -24.06
N GLY A 157 6.87 -17.20 -24.53
CA GLY A 157 7.51 -18.50 -24.58
C GLY A 157 7.82 -18.98 -23.17
N ALA A 158 7.47 -20.23 -22.89
CA ALA A 158 7.73 -20.78 -21.57
C ALA A 158 9.12 -21.42 -21.43
N LYS A 159 9.67 -21.94 -22.53
CA LYS A 159 11.02 -22.50 -22.50
C LYS A 159 12.03 -21.40 -22.84
N ASN A 160 13.23 -21.54 -22.28
CA ASN A 160 14.27 -20.51 -22.44
C ASN A 160 14.46 -20.20 -23.91
N PHE A 161 14.50 -18.91 -24.23
CA PHE A 161 14.87 -18.49 -25.56
C PHE A 161 15.81 -17.32 -25.45
N TYR A 162 16.62 -17.14 -26.47
CA TYR A 162 17.62 -16.09 -26.48
C TYR A 162 17.08 -14.88 -27.23
N ILE A 163 17.30 -13.71 -26.66
CA ILE A 163 16.93 -12.43 -27.26
C ILE A 163 18.21 -11.66 -27.57
N LYS A 164 18.30 -11.13 -28.78
CA LYS A 164 19.45 -10.31 -29.13
C LYS A 164 19.53 -9.07 -28.24
N THR A 165 20.77 -8.57 -28.07
CA THR A 165 21.05 -7.59 -27.03
C THR A 165 20.30 -6.31 -27.27
N HIS A 166 20.30 -5.82 -28.52
CA HIS A 166 19.60 -4.58 -28.84
C HIS A 166 18.15 -4.65 -28.40
N LEU A 167 17.46 -5.69 -28.79
CA LEU A 167 16.05 -5.81 -28.40
C LEU A 167 15.92 -6.02 -26.90
N LYS A 168 16.82 -6.79 -26.29
CA LYS A 168 16.77 -7.05 -24.86
C LYS A 168 16.87 -5.74 -24.08
N ASP A 169 17.80 -4.88 -24.46
CA ASP A 169 17.91 -3.59 -23.79
C ASP A 169 16.66 -2.74 -23.99
N LYS A 170 16.10 -2.76 -25.20
CA LYS A 170 14.91 -1.93 -25.45
C LYS A 170 13.74 -2.41 -24.59
N PHE A 171 13.61 -3.73 -24.44
CA PHE A 171 12.56 -4.29 -23.61
C PHE A 171 12.75 -3.91 -22.15
N ARG A 172 13.99 -4.01 -21.67
CA ARG A 172 14.26 -3.68 -20.27
C ARG A 172 13.97 -2.20 -19.99
N ARG A 173 14.61 -1.30 -20.73
CA ARG A 173 14.41 0.12 -20.44
C ARG A 173 12.94 0.47 -20.53
N GLY A 174 12.29 0.06 -21.62
CA GLY A 174 10.88 0.38 -21.79
C GLY A 174 10.05 -0.14 -20.64
N LEU A 175 10.26 -1.41 -20.28
CA LEU A 175 9.47 -2.02 -19.23
C LEU A 175 9.64 -1.27 -17.91
N ILE A 176 10.88 -0.96 -17.55
CA ILE A 176 11.19 -0.26 -16.29
C ILE A 176 10.63 1.15 -16.30
N LYS A 177 10.78 1.86 -17.43
CA LYS A 177 10.31 3.22 -17.51
C LYS A 177 8.79 3.29 -17.36
N VAL A 178 8.06 2.40 -18.02
CA VAL A 178 6.60 2.46 -17.88
C VAL A 178 6.16 2.04 -16.47
N ALA A 179 6.83 1.03 -15.88
CA ALA A 179 6.40 0.54 -14.57
C ALA A 179 6.65 1.57 -13.48
N GLN A 180 7.80 2.25 -13.53
CA GLN A 180 8.12 3.27 -12.53
C GLN A 180 7.17 4.46 -12.64
N THR A 181 6.96 4.96 -13.85
CA THR A 181 6.19 6.19 -13.98
C THR A 181 4.72 5.97 -13.63
N THR A 182 4.21 4.76 -13.83
CA THR A 182 2.80 4.49 -13.61
C THR A 182 2.51 3.69 -12.35
N GLY A 183 3.53 3.31 -11.58
CA GLY A 183 3.31 2.43 -10.44
C GLY A 183 2.77 1.07 -10.83
N ALA A 184 3.11 0.60 -12.02
CA ALA A 184 2.45 -0.56 -12.59
C ALA A 184 2.84 -1.84 -11.88
N TRP A 185 1.90 -2.78 -11.81
CA TRP A 185 2.25 -4.16 -11.49
C TRP A 185 2.62 -4.88 -12.77
N ILE A 186 3.67 -5.67 -12.71
CA ILE A 186 4.04 -6.58 -13.78
C ILE A 186 3.61 -7.97 -13.37
N LEU A 187 2.92 -8.65 -14.27
CA LEU A 187 2.36 -9.98 -14.04
C LEU A 187 2.98 -10.95 -15.03
N THR A 188 3.52 -12.09 -14.53
CA THR A 188 4.03 -13.17 -15.39
C THR A 188 3.63 -14.54 -14.84
N GLY A 189 4.04 -15.60 -15.56
CA GLY A 189 3.94 -16.98 -15.12
C GLY A 189 4.89 -17.35 -13.99
N GLY A 190 5.89 -16.51 -13.70
CA GLY A 190 6.62 -16.56 -12.44
C GLY A 190 7.69 -17.62 -12.29
N THR A 191 7.95 -18.44 -13.31
CA THR A 191 8.94 -19.49 -13.14
C THR A 191 10.24 -19.08 -13.85
N HIS A 192 11.30 -19.83 -13.56
CA HIS A 192 12.65 -19.41 -13.95
C HIS A 192 13.00 -19.91 -15.34
N ALA A 193 12.22 -19.46 -16.32
CA ALA A 193 12.47 -19.86 -17.69
C ALA A 193 11.69 -18.96 -18.64
N GLY A 194 12.10 -18.97 -19.90
CA GLY A 194 11.31 -18.33 -20.94
C GLY A 194 11.18 -16.84 -20.71
N VAL A 195 9.99 -16.31 -21.04
CA VAL A 195 9.76 -14.87 -20.95
C VAL A 195 9.71 -14.43 -19.49
N MSE A 196 9.30 -15.33 -18.61
CA MSE A 196 9.31 -15.03 -17.17
C MSE A 196 10.71 -14.72 -16.70
O MSE A 196 10.93 -13.78 -15.97
CB MSE A 196 8.79 -16.21 -16.35
CG MSE A 196 7.33 -16.45 -16.40
SE MSE A 196 6.81 -17.75 -17.72
CE MSE A 196 7.98 -19.24 -17.45
N LYS A 197 11.65 -15.54 -17.12
CA LYS A 197 13.04 -15.28 -16.77
C LYS A 197 13.50 -13.93 -17.30
N HIS A 198 13.10 -13.59 -18.53
CA HIS A 198 13.53 -12.32 -19.14
C HIS A 198 12.96 -11.12 -18.39
N VAL A 199 11.73 -11.22 -17.92
CA VAL A 199 11.17 -10.14 -17.11
C VAL A 199 11.99 -9.97 -15.84
N GLY A 200 12.20 -11.08 -15.11
CA GLY A 200 12.99 -11.00 -13.89
C GLY A 200 14.36 -10.39 -14.08
N MSE A 201 15.05 -10.76 -15.14
CA MSE A 201 16.37 -10.20 -15.43
C MSE A 201 16.31 -8.71 -15.75
O MSE A 201 17.22 -7.96 -15.41
CB MSE A 201 17.03 -10.94 -16.58
CG MSE A 201 17.53 -12.34 -16.22
SE MSE A 201 18.49 -13.24 -17.68
CE MSE A 201 17.15 -13.13 -19.11
N ALA A 202 15.23 -8.27 -16.43
CA ALA A 202 15.07 -6.86 -16.75
C ALA A 202 14.87 -6.04 -15.48
N VAL A 203 14.04 -6.56 -14.57
CA VAL A 203 13.71 -5.91 -13.31
C VAL A 203 14.79 -6.08 -12.26
N ARG A 204 15.81 -6.89 -12.54
CA ARG A 204 16.88 -7.17 -11.58
C ARG A 204 17.51 -5.91 -10.95
N ASP A 205 17.37 -4.75 -11.60
CA ASP A 205 18.03 -3.47 -11.24
C ASP A 205 19.47 -3.44 -11.74
N GLY A 215 12.66 2.28 -5.53
CA GLY A 215 12.08 1.73 -6.74
C GLY A 215 10.84 0.87 -6.49
N GLN A 216 11.04 -0.32 -5.94
CA GLN A 216 9.95 -1.19 -5.49
C GLN A 216 9.03 -1.58 -6.66
N ILE A 217 9.61 -2.19 -7.68
CA ILE A 217 8.80 -2.65 -8.80
C ILE A 217 8.12 -3.96 -8.39
N VAL A 218 6.82 -4.03 -8.57
CA VAL A 218 6.04 -5.21 -8.18
C VAL A 218 5.98 -6.17 -9.37
N VAL A 219 6.42 -7.41 -9.17
CA VAL A 219 6.50 -8.41 -10.23
C VAL A 219 5.81 -9.69 -9.73
N ILE A 220 4.55 -9.86 -10.10
CA ILE A 220 3.73 -10.97 -9.59
C ILE A 220 3.85 -12.17 -10.51
N GLY A 221 4.21 -13.32 -9.93
CA GLY A 221 4.25 -14.57 -10.66
C GLY A 221 3.04 -15.41 -10.31
N VAL A 222 2.34 -15.86 -11.35
CA VAL A 222 1.20 -16.77 -11.19
C VAL A 222 1.63 -18.08 -11.84
N ALA A 223 2.03 -19.04 -11.02
CA ALA A 223 2.65 -20.27 -11.47
C ALA A 223 1.84 -21.46 -10.98
N PRO A 224 1.94 -22.62 -11.63
CA PRO A 224 1.18 -23.78 -11.17
C PRO A 224 1.96 -24.51 -10.08
N TRP A 225 1.38 -24.53 -8.87
CA TRP A 225 2.01 -25.18 -7.72
C TRP A 225 2.48 -26.59 -8.06
N GLY A 226 1.72 -27.31 -8.88
CA GLY A 226 1.97 -28.70 -9.17
C GLY A 226 3.20 -28.96 -10.01
N VAL A 227 3.87 -27.95 -10.54
CA VAL A 227 5.10 -28.28 -11.26
C VAL A 227 6.31 -27.54 -10.68
N ILE A 228 6.24 -27.07 -9.43
CA ILE A 228 7.36 -26.35 -8.83
C ILE A 228 8.34 -27.36 -8.23
N HIS A 229 9.56 -27.37 -8.78
CA HIS A 229 10.63 -28.19 -8.24
C HIS A 229 11.06 -27.66 -6.89
N ASN A 230 11.40 -28.58 -5.98
CA ASN A 230 11.94 -28.21 -4.67
C ASN A 230 10.94 -27.42 -3.83
N ARG A 231 9.64 -27.59 -4.10
CA ARG A 231 8.64 -26.87 -3.34
C ARG A 231 8.44 -27.42 -1.92
N SER A 232 9.07 -28.54 -1.57
CA SER A 232 8.88 -29.11 -0.24
C SER A 232 9.25 -28.10 0.83
N THR A 233 10.25 -27.25 0.58
CA THR A 233 10.72 -26.29 1.57
C THR A 233 9.73 -25.14 1.82
N LEU A 234 8.71 -24.98 0.99
CA LEU A 234 7.70 -23.94 1.18
C LEU A 234 6.53 -24.39 2.06
N ILE A 235 6.47 -25.69 2.37
CA ILE A 235 5.31 -26.28 3.03
C ILE A 235 5.52 -26.21 4.54
N HIS A 236 4.61 -25.53 5.23
CA HIS A 236 4.52 -25.64 6.70
C HIS A 236 3.15 -25.12 7.10
N PRO A 237 2.44 -25.81 7.99
CA PRO A 237 1.10 -25.35 8.43
C PRO A 237 1.04 -23.91 8.94
N GLU A 238 2.03 -23.47 9.70
CA GLU A 238 2.11 -22.11 10.23
C GLU A 238 2.84 -21.14 9.30
N GLY A 239 3.18 -21.54 8.08
CA GLY A 239 3.87 -20.65 7.17
C GLY A 239 5.37 -20.71 7.39
N ARG A 240 6.11 -20.02 6.52
CA ARG A 240 7.56 -19.93 6.66
C ARG A 240 8.00 -18.49 6.51
N PHE A 241 8.81 -18.03 7.46
CA PHE A 241 9.25 -16.63 7.52
C PHE A 241 10.74 -16.57 7.82
N PRO A 242 11.59 -16.86 6.83
CA PRO A 242 11.23 -17.21 5.45
C PRO A 242 11.32 -18.70 5.16
N ALA A 243 10.83 -19.12 3.99
CA ALA A 243 11.25 -20.38 3.40
C ALA A 243 12.55 -20.16 2.63
N TYR A 244 13.44 -21.13 2.70
CA TYR A 244 14.72 -21.03 2.02
C TYR A 244 14.63 -21.86 0.75
N TYR A 245 14.33 -21.20 -0.36
CA TYR A 245 14.10 -21.90 -1.63
C TYR A 245 15.41 -22.04 -2.40
N SER A 246 15.73 -23.28 -2.77
CA SER A 246 16.93 -23.58 -3.54
C SER A 246 16.60 -23.82 -5.00
N LEU A 247 17.48 -23.34 -5.88
CA LEU A 247 17.25 -23.35 -7.32
C LEU A 247 18.16 -24.37 -8.02
N ASP A 248 17.87 -25.65 -7.75
CA ASP A 248 18.61 -26.73 -8.40
C ASP A 248 17.99 -27.03 -9.78
N GLU A 249 18.25 -26.09 -10.70
CA GLU A 249 17.87 -26.28 -12.11
C GLU A 249 18.40 -27.58 -12.65
N GLN A 250 19.51 -28.07 -12.09
CA GLN A 250 19.87 -29.47 -12.23
C GLN A 250 19.00 -30.29 -11.29
N GLY A 251 18.09 -31.07 -11.86
CA GLY A 251 17.24 -31.93 -11.07
C GLY A 251 15.76 -31.65 -11.20
N GLN A 252 15.35 -30.57 -11.87
CA GLN A 252 13.93 -30.36 -12.06
C GLN A 252 13.31 -31.38 -13.01
N GLY A 253 14.10 -32.01 -13.87
CA GLY A 253 13.51 -32.88 -14.86
C GLY A 253 12.62 -32.04 -15.75
N ARG A 254 11.33 -32.40 -15.82
CA ARG A 254 10.38 -31.61 -16.59
C ARG A 254 9.66 -30.56 -15.74
N LEU A 255 10.08 -30.36 -14.50
CA LEU A 255 9.45 -29.41 -13.60
C LEU A 255 10.13 -28.03 -13.69
N SER A 256 9.53 -27.04 -13.06
CA SER A 256 10.05 -25.68 -13.12
C SER A 256 10.44 -25.17 -11.72
N CYS A 257 11.34 -24.19 -11.72
CA CYS A 257 11.76 -23.50 -10.51
C CYS A 257 11.13 -22.11 -10.47
N LEU A 258 10.95 -21.58 -9.26
CA LEU A 258 10.43 -20.23 -9.14
C LEU A 258 11.48 -19.21 -9.60
N ASP A 259 11.03 -18.11 -10.22
CA ASP A 259 11.97 -17.09 -10.67
C ASP A 259 12.43 -16.21 -9.52
N ILE A 260 13.74 -16.07 -9.38
CA ILE A 260 14.35 -15.45 -8.21
C ILE A 260 14.18 -13.94 -8.20
N ASN A 261 13.73 -13.34 -9.29
CA ASN A 261 13.61 -11.89 -9.35
C ASN A 261 12.17 -11.43 -9.31
N HIS A 262 11.23 -12.33 -9.09
CA HIS A 262 9.86 -11.90 -8.85
C HIS A 262 9.70 -11.55 -7.38
N THR A 263 8.73 -10.68 -7.07
CA THR A 263 8.52 -10.24 -5.69
C THR A 263 7.35 -10.92 -4.99
N HIS A 264 6.34 -11.36 -5.74
CA HIS A 264 5.15 -11.99 -5.17
C HIS A 264 4.75 -13.19 -6.01
N PHE A 265 4.24 -14.22 -5.36
CA PHE A 265 3.92 -15.49 -6.03
C PHE A 265 2.56 -15.98 -5.60
N LEU A 266 1.67 -16.21 -6.57
CA LEU A 266 0.48 -17.01 -6.38
C LEU A 266 0.76 -18.39 -6.99
N LEU A 267 0.89 -19.40 -6.15
CA LEU A 267 1.16 -20.76 -6.63
C LEU A 267 -0.19 -21.46 -6.71
N VAL A 268 -0.72 -21.60 -7.93
CA VAL A 268 -2.11 -22.01 -8.14
C VAL A 268 -2.19 -23.52 -8.11
N ASP A 269 -3.13 -24.04 -7.31
CA ASP A 269 -3.22 -25.45 -6.97
C ASP A 269 -4.64 -25.94 -7.27
N ASP A 270 -4.76 -26.90 -8.19
CA ASP A 270 -6.05 -27.57 -8.43
C ASP A 270 -6.03 -29.01 -7.92
N GLY A 271 -5.08 -29.37 -7.07
CA GLY A 271 -5.04 -30.71 -6.50
C GLY A 271 -4.22 -31.72 -7.27
N THR A 272 -3.63 -31.33 -8.38
CA THR A 272 -2.92 -32.25 -9.25
C THR A 272 -1.45 -31.88 -9.30
N GLN A 273 -0.62 -32.80 -9.78
CA GLN A 273 0.76 -32.42 -10.04
C GLN A 273 1.19 -33.02 -11.37
N GLY A 274 2.11 -32.32 -12.06
CA GLY A 274 2.61 -32.77 -13.33
C GLY A 274 2.00 -32.08 -14.53
N HIS A 275 0.84 -31.44 -14.37
CA HIS A 275 0.13 -30.80 -15.49
C HIS A 275 0.54 -29.33 -15.59
N TYR A 276 1.04 -28.92 -16.75
CA TYR A 276 1.14 -27.50 -17.00
C TYR A 276 -0.23 -26.96 -17.43
N GLY A 277 -0.40 -25.65 -17.30
CA GLY A 277 -1.67 -25.05 -17.65
C GLY A 277 -2.66 -24.89 -16.52
N VAL A 278 -2.39 -25.50 -15.35
CA VAL A 278 -3.28 -25.39 -14.20
C VAL A 278 -3.61 -23.92 -13.86
N GLU A 279 -2.62 -23.03 -13.99
CA GLU A 279 -2.74 -21.65 -13.52
C GLU A 279 -3.43 -20.70 -14.51
N ILE A 280 -3.75 -21.17 -15.72
CA ILE A 280 -4.19 -20.27 -16.80
C ILE A 280 -5.50 -19.56 -16.43
N GLU A 281 -6.45 -20.29 -15.85
CA GLU A 281 -7.75 -19.68 -15.60
C GLU A 281 -7.67 -18.61 -14.53
N LEU A 282 -6.98 -18.91 -13.42
CA LEU A 282 -6.84 -17.90 -12.37
C LEU A 282 -6.07 -16.69 -12.88
N ARG A 283 -5.03 -16.93 -13.68
CA ARG A 283 -4.26 -15.82 -14.23
C ARG A 283 -5.15 -14.90 -15.07
N ALA A 284 -6.09 -15.47 -15.82
CA ALA A 284 -7.04 -14.63 -16.54
C ALA A 284 -8.00 -13.93 -15.58
N ARG A 285 -8.45 -14.66 -14.55
CA ARG A 285 -9.38 -14.08 -13.59
C ARG A 285 -8.73 -12.92 -12.85
N LEU A 286 -7.45 -13.08 -12.53
CA LEU A 286 -6.69 -12.05 -11.87
C LEU A 286 -6.57 -10.79 -12.73
N GLU A 287 -6.28 -10.96 -14.01
CA GLU A 287 -6.21 -9.78 -14.88
C GLU A 287 -7.56 -9.10 -14.94
N LYS A 288 -8.62 -9.87 -15.16
CA LYS A 288 -9.97 -9.31 -15.20
C LYS A 288 -10.30 -8.60 -13.90
N LEU A 289 -9.86 -9.16 -12.77
CA LEU A 289 -10.05 -8.56 -11.46
C LEU A 289 -9.51 -7.13 -11.43
N ILE A 290 -8.20 -7.00 -11.61
CA ILE A 290 -7.56 -5.69 -11.63
C ILE A 290 -8.14 -4.81 -12.74
N SER A 291 -8.50 -5.42 -13.87
CA SER A 291 -9.11 -4.69 -14.99
C SER A 291 -10.40 -4.01 -14.58
N LYS A 292 -11.16 -4.63 -13.70
CA LYS A 292 -12.40 -4.04 -13.20
C LYS A 292 -12.20 -3.23 -11.92
N LEU A 293 -10.98 -3.14 -11.41
CA LEU A 293 -10.76 -2.65 -10.04
C LEU A 293 -11.38 -1.28 -9.79
N SER A 294 -11.65 -0.52 -10.85
CA SER A 294 -12.36 0.75 -10.72
C SER A 294 -11.62 1.71 -9.78
N LEU A 295 -10.30 1.61 -9.76
CA LEU A 295 -9.47 2.50 -8.96
C LEU A 295 -8.97 3.69 -9.77
N GLY A 296 -9.56 3.94 -10.94
CA GLY A 296 -9.23 5.13 -11.71
C GLY A 296 -9.79 6.38 -11.07
N ASN A 297 -8.91 7.21 -10.51
CA ASN A 297 -9.30 8.43 -9.80
C ASN A 297 -10.38 8.14 -8.75
N ARG A 298 -11.63 8.39 -9.13
CA ARG A 298 -12.78 8.28 -8.26
C ARG A 298 -13.80 7.31 -8.86
N GLU A 299 -14.86 7.03 -8.11
CA GLU A 299 -15.87 6.04 -8.52
C GLU A 299 -16.90 6.69 -9.43
N SER A 300 -16.46 6.96 -10.66
CA SER A 300 -17.33 7.50 -11.71
C SER A 300 -17.47 6.53 -12.88
N GLY A 301 -16.35 6.12 -13.51
CA GLY A 301 -16.39 5.16 -14.58
C GLY A 301 -15.05 4.89 -15.24
N VAL A 302 -13.99 4.82 -14.45
CA VAL A 302 -12.64 4.62 -14.96
C VAL A 302 -12.03 3.40 -14.27
N THR A 303 -11.41 2.53 -15.05
CA THR A 303 -10.83 1.29 -14.54
C THR A 303 -9.34 1.25 -14.85
N ILE A 304 -8.63 0.38 -14.13
CA ILE A 304 -7.19 0.19 -14.36
C ILE A 304 -6.95 -0.44 -15.73
N PRO A 305 -6.25 0.25 -16.63
CA PRO A 305 -5.93 -0.35 -17.93
C PRO A 305 -4.95 -1.51 -17.80
N VAL A 306 -5.09 -2.46 -18.71
CA VAL A 306 -4.19 -3.60 -18.82
C VAL A 306 -3.56 -3.53 -20.21
N VAL A 307 -2.28 -3.85 -20.30
CA VAL A 307 -1.62 -4.08 -21.58
C VAL A 307 -0.93 -5.44 -21.53
N CYS A 308 -1.00 -6.18 -22.61
CA CYS A 308 -0.35 -7.49 -22.75
C CYS A 308 0.87 -7.34 -23.66
N VAL A 309 2.02 -7.83 -23.19
CA VAL A 309 3.30 -7.76 -23.90
C VAL A 309 3.70 -9.20 -24.20
N VAL A 310 4.00 -9.50 -25.48
CA VAL A 310 4.25 -10.86 -25.97
C VAL A 310 5.66 -10.95 -26.53
N LEU A 311 6.41 -11.95 -26.05
CA LEU A 311 7.72 -12.30 -26.62
C LEU A 311 7.75 -13.80 -26.93
N ASP A 312 8.26 -14.14 -28.11
CA ASP A 312 8.41 -15.57 -28.44
C ASP A 312 6.99 -16.17 -28.43
N GLY A 313 6.78 -17.34 -27.84
CA GLY A 313 5.42 -17.85 -27.68
C GLY A 313 5.12 -19.05 -28.55
N GLY A 314 4.29 -19.95 -28.02
CA GLY A 314 3.82 -21.08 -28.78
C GLY A 314 2.34 -20.93 -29.09
N PRO A 315 1.73 -21.97 -29.65
CA PRO A 315 0.30 -21.88 -29.96
C PRO A 315 -0.58 -21.72 -28.74
N GLY A 316 -0.11 -22.09 -27.55
CA GLY A 316 -0.82 -21.73 -26.33
C GLY A 316 -0.95 -20.23 -26.15
N THR A 317 0.11 -19.47 -26.46
CA THR A 317 0.05 -18.02 -26.36
C THR A 317 -0.98 -17.44 -27.30
N LEU A 318 -1.18 -18.10 -28.44
CA LEU A 318 -2.17 -17.66 -29.43
C LEU A 318 -3.56 -17.55 -28.82
N ASN A 319 -3.98 -18.59 -28.09
CA ASN A 319 -5.28 -18.51 -27.41
C ASN A 319 -5.27 -17.44 -26.33
N THR A 320 -4.18 -17.34 -25.56
CA THR A 320 -4.11 -16.33 -24.51
C THR A 320 -4.24 -14.91 -25.08
N ILE A 321 -3.57 -14.65 -26.21
CA ILE A 321 -3.65 -13.35 -26.88
C ILE A 321 -5.07 -13.06 -27.37
N TYR A 322 -5.67 -14.05 -28.04
CA TYR A 322 -7.00 -13.84 -28.63
C TYR A 322 -8.03 -13.53 -27.55
N ASN A 323 -8.00 -14.29 -26.44
CA ASN A 323 -8.91 -14.03 -25.33
C ASN A 323 -8.68 -12.67 -24.70
N SER A 324 -7.42 -12.26 -24.54
CA SER A 324 -7.17 -10.95 -23.94
C SER A 324 -7.77 -9.85 -24.81
N MSE A 325 -7.60 -9.95 -26.11
CA MSE A 325 -8.10 -8.93 -27.01
C MSE A 325 -9.62 -8.92 -26.98
O MSE A 325 -10.25 -7.85 -27.02
CB MSE A 325 -7.59 -9.19 -28.43
CG MSE A 325 -6.14 -8.76 -28.61
SE MSE A 325 -5.29 -9.40 -30.28
CE MSE A 325 -5.90 -8.01 -31.49
N LEU A 326 -10.21 -10.11 -26.88
CA LEU A 326 -11.66 -10.22 -26.73
C LEU A 326 -12.12 -9.52 -25.46
N ASN A 327 -11.24 -9.40 -24.48
CA ASN A 327 -11.56 -8.65 -23.27
C ASN A 327 -11.11 -7.21 -23.38
N HIS A 328 -10.78 -6.76 -24.59
CA HIS A 328 -10.36 -5.39 -24.88
C HIS A 328 -8.98 -5.07 -24.34
N THR A 329 -8.13 -6.08 -24.10
CA THR A 329 -6.77 -5.81 -23.64
C THR A 329 -5.85 -5.64 -24.84
N PRO A 330 -5.24 -4.47 -25.03
CA PRO A 330 -4.31 -4.32 -26.14
C PRO A 330 -3.09 -5.22 -25.96
N CYS A 331 -2.58 -5.72 -27.08
CA CYS A 331 -1.42 -6.59 -27.12
C CYS A 331 -0.28 -5.95 -27.91
N VAL A 332 0.93 -6.06 -27.37
CA VAL A 332 2.15 -5.56 -27.99
C VAL A 332 3.04 -6.78 -28.24
N VAL A 333 3.32 -7.07 -29.52
CA VAL A 333 4.25 -8.15 -29.84
C VAL A 333 5.59 -7.56 -30.19
N LEU A 334 6.66 -8.18 -29.70
CA LEU A 334 8.03 -7.72 -29.96
C LEU A 334 8.57 -8.46 -31.17
N GLU A 335 8.63 -7.77 -32.32
CA GLU A 335 9.27 -8.32 -33.49
C GLU A 335 10.72 -8.72 -33.16
N GLY A 336 11.17 -9.83 -33.72
CA GLY A 336 12.49 -10.35 -33.46
C GLY A 336 12.61 -11.20 -32.22
N SER A 337 11.53 -11.36 -31.45
CA SER A 337 11.65 -12.14 -30.23
C SER A 337 11.39 -13.63 -30.48
N GLY A 338 11.09 -14.02 -31.71
CA GLY A 338 11.03 -15.42 -32.09
C GLY A 338 9.61 -15.97 -32.12
N ARG A 339 9.48 -17.16 -32.71
CA ARG A 339 8.27 -17.98 -32.69
C ARG A 339 6.99 -17.20 -32.94
N LEU A 340 5.97 -17.33 -32.07
CA LEU A 340 4.66 -16.77 -32.39
C LEU A 340 4.75 -15.25 -32.57
N ALA A 341 5.53 -14.59 -31.73
CA ALA A 341 5.59 -13.13 -31.82
C ALA A 341 6.09 -12.70 -33.20
N ASP A 342 7.04 -13.45 -33.75
CA ASP A 342 7.53 -13.10 -35.08
C ASP A 342 6.53 -13.45 -36.18
N VAL A 343 5.77 -14.55 -36.01
CA VAL A 343 4.73 -14.88 -36.97
C VAL A 343 3.73 -13.74 -37.06
N ILE A 344 3.29 -13.25 -35.89
CA ILE A 344 2.31 -12.15 -35.83
C ILE A 344 2.92 -10.86 -36.36
N ALA A 345 4.15 -10.51 -35.92
CA ALA A 345 4.82 -9.32 -36.43
C ALA A 345 4.79 -9.28 -37.95
N HIS A 346 5.00 -10.43 -38.58
CA HIS A 346 5.10 -10.46 -40.03
C HIS A 346 3.75 -10.22 -40.68
N VAL A 347 2.72 -10.99 -40.27
CA VAL A 347 1.42 -10.81 -40.90
C VAL A 347 0.81 -9.46 -40.57
N ALA A 348 1.29 -8.81 -39.51
CA ALA A 348 0.80 -7.48 -39.20
C ALA A 348 1.33 -6.42 -40.17
N SER A 349 2.41 -6.73 -40.90
CA SER A 349 3.03 -5.75 -41.77
C SER A 349 2.42 -5.72 -43.17
N VAL A 350 1.83 -6.82 -43.61
CA VAL A 350 1.45 -6.97 -45.01
C VAL A 350 0.03 -6.46 -45.17
N PRO A 351 -0.38 -6.03 -46.37
CA PRO A 351 -1.80 -5.75 -46.59
C PRO A 351 -2.63 -6.96 -46.17
N VAL A 352 -3.82 -6.71 -45.63
CA VAL A 352 -4.56 -7.76 -44.95
C VAL A 352 -4.99 -8.84 -45.94
N SER A 353 -5.34 -8.45 -47.18
CA SER A 353 -5.77 -9.45 -48.16
C SER A 353 -4.65 -10.43 -48.51
N LYS A 354 -3.42 -10.12 -48.13
CA LYS A 354 -2.29 -10.98 -48.40
C LYS A 354 -1.96 -11.93 -47.24
N VAL A 355 -2.72 -11.88 -46.14
CA VAL A 355 -2.52 -12.84 -45.06
C VAL A 355 -3.28 -14.11 -45.39
N THR A 356 -2.63 -15.00 -46.13
CA THR A 356 -3.22 -16.24 -46.59
C THR A 356 -2.81 -17.40 -45.68
N MSE A 357 -3.45 -18.55 -45.90
CA MSE A 357 -3.11 -19.78 -45.22
C MSE A 357 -1.68 -20.21 -45.56
O MSE A 357 -0.92 -20.64 -44.69
CB MSE A 357 -4.09 -20.89 -45.59
CG MSE A 357 -5.42 -20.86 -44.83
SE MSE A 357 -6.92 -21.77 -45.73
CE MSE A 357 -6.20 -23.57 -45.97
N ALA A 358 -1.33 -20.07 -46.84
CA ALA A 358 0.01 -20.42 -47.28
C ALA A 358 1.05 -19.52 -46.66
N LEU A 359 0.76 -18.22 -46.55
CA LEU A 359 1.72 -17.32 -45.90
C LEU A 359 1.90 -17.70 -44.44
N ILE A 360 0.79 -17.98 -43.75
CA ILE A 360 0.92 -18.29 -42.33
C ILE A 360 1.65 -19.62 -42.14
N ASN A 361 1.36 -20.59 -43.01
CA ASN A 361 2.09 -21.85 -43.00
C ASN A 361 3.58 -21.61 -43.23
N ARG A 362 3.93 -20.81 -44.24
CA ARG A 362 5.31 -20.42 -44.45
C ARG A 362 5.93 -19.86 -43.17
N LEU A 363 5.20 -18.96 -42.50
CA LEU A 363 5.74 -18.34 -41.31
C LEU A 363 5.88 -19.33 -40.16
N LEU A 364 4.98 -20.31 -40.06
CA LEU A 364 5.12 -21.32 -39.01
C LEU A 364 6.33 -22.19 -39.24
N LYS A 365 6.59 -22.59 -40.48
CA LYS A 365 7.81 -23.34 -40.76
C LYS A 365 9.04 -22.53 -40.40
N ARG A 366 9.02 -21.23 -40.73
CA ARG A 366 10.21 -20.40 -40.57
C ARG A 366 10.52 -20.14 -39.10
N PHE A 367 9.50 -19.93 -38.28
CA PHE A 367 9.75 -19.48 -36.92
C PHE A 367 9.55 -20.56 -35.87
N PHE A 368 9.03 -21.72 -36.26
CA PHE A 368 8.92 -22.84 -35.32
C PHE A 368 9.77 -24.00 -35.81
N MSE A 369 11.06 -23.78 -35.95
CA MSE A 369 11.93 -24.75 -36.63
C MSE A 369 11.95 -26.13 -36.00
O MSE A 369 11.89 -27.14 -36.69
CB MSE A 369 13.34 -24.20 -36.70
CG MSE A 369 13.45 -23.05 -37.67
SE MSE A 369 15.29 -22.49 -37.79
CE MSE A 369 16.10 -24.22 -38.24
N GLN A 370 12.05 -26.18 -34.67
CA GLN A 370 12.07 -27.47 -33.97
C GLN A 370 10.69 -28.09 -33.88
N GLU A 371 9.64 -27.26 -33.76
CA GLU A 371 8.30 -27.72 -33.39
C GLU A 371 7.37 -27.98 -34.57
N TYR A 372 7.61 -27.36 -35.74
CA TYR A 372 6.66 -27.42 -36.84
C TYR A 372 6.36 -28.86 -37.25
N LYS A 373 7.38 -29.74 -37.28
CA LYS A 373 7.18 -31.13 -37.66
C LYS A 373 6.15 -31.86 -36.78
N ASN A 374 5.87 -31.35 -35.58
CA ASN A 374 4.89 -31.93 -34.68
C ASN A 374 3.48 -31.40 -34.88
N PHE A 375 3.32 -30.29 -35.61
CA PHE A 375 2.00 -29.69 -35.78
C PHE A 375 1.14 -30.58 -36.67
N THR A 376 -0.10 -30.83 -36.24
CA THR A 376 -1.04 -31.56 -37.08
C THR A 376 -1.75 -30.60 -38.04
N GLU A 377 -2.29 -31.16 -39.12
CA GLU A 377 -3.04 -30.35 -40.08
C GLU A 377 -4.20 -29.64 -39.42
N LEU A 378 -4.91 -30.34 -38.54
CA LEU A 378 -6.02 -29.71 -37.81
C LEU A 378 -5.53 -28.54 -36.97
N GLN A 379 -4.37 -28.68 -36.33
CA GLN A 379 -3.83 -27.59 -35.51
C GLN A 379 -3.48 -26.39 -36.38
N ILE A 380 -2.80 -26.64 -37.49
CA ILE A 380 -2.38 -25.55 -38.36
C ILE A 380 -3.61 -24.79 -38.86
N ILE A 381 -4.67 -25.54 -39.18
CA ILE A 381 -5.94 -24.91 -39.56
C ILE A 381 -6.45 -24.03 -38.42
N GLU A 382 -6.49 -24.59 -37.21
CA GLU A 382 -7.03 -23.84 -36.07
C GLU A 382 -6.21 -22.58 -35.79
N TRP A 383 -4.89 -22.73 -35.65
CA TRP A 383 -4.05 -21.59 -35.32
C TRP A 383 -4.09 -20.52 -36.41
N THR A 384 -4.16 -20.95 -37.67
CA THR A 384 -4.24 -20.01 -38.79
C THR A 384 -5.48 -19.13 -38.72
N LYS A 385 -6.62 -19.73 -38.41
CA LYS A 385 -7.82 -18.89 -38.35
C LYS A 385 -7.79 -18.03 -37.10
N LYS A 386 -7.24 -18.54 -36.01
CA LYS A 386 -7.08 -17.70 -34.82
C LYS A 386 -6.14 -16.53 -35.12
N ILE A 387 -5.10 -16.74 -35.92
CA ILE A 387 -4.21 -15.63 -36.27
C ILE A 387 -4.94 -14.60 -37.10
N GLN A 388 -5.80 -15.06 -38.01
CA GLN A 388 -6.55 -14.13 -38.84
C GLN A 388 -7.62 -13.42 -38.03
N ASP A 389 -8.26 -14.12 -37.10
CA ASP A 389 -9.20 -13.46 -36.21
C ASP A 389 -8.50 -12.37 -35.41
N ILE A 390 -7.31 -12.67 -34.87
CA ILE A 390 -6.55 -11.68 -34.14
C ILE A 390 -6.33 -10.44 -35.00
N LEU A 391 -5.94 -10.64 -36.26
CA LEU A 391 -5.69 -9.53 -37.17
C LEU A 391 -6.92 -8.70 -37.47
N ARG A 392 -8.12 -9.23 -37.21
CA ARG A 392 -9.35 -8.46 -37.43
C ARG A 392 -9.56 -7.43 -36.34
N MSE A 393 -8.68 -7.36 -35.35
CA MSE A 393 -8.80 -6.33 -34.33
C MSE A 393 -7.54 -5.47 -34.30
O MSE A 393 -6.84 -5.46 -33.31
CB MSE A 393 -9.05 -6.97 -32.96
CG MSE A 393 -10.08 -8.09 -32.98
SE MSE A 393 -10.54 -8.81 -31.19
CE MSE A 393 -9.88 -10.62 -31.40
N PRO A 394 -7.24 -4.76 -35.39
CA PRO A 394 -5.98 -4.03 -35.46
C PRO A 394 -5.87 -2.90 -34.43
N HIS A 395 -7.00 -2.39 -33.94
CA HIS A 395 -6.97 -1.38 -32.88
C HIS A 395 -6.42 -1.92 -31.56
N LEU A 396 -6.29 -3.24 -31.42
CA LEU A 396 -5.81 -3.87 -30.19
C LEU A 396 -4.47 -4.57 -30.39
N LEU A 397 -3.87 -4.41 -31.57
CA LEU A 397 -2.59 -5.06 -31.88
C LEU A 397 -1.56 -4.02 -32.29
N THR A 398 -0.40 -4.07 -31.66
CA THR A 398 0.73 -3.18 -31.90
C THR A 398 1.98 -4.05 -32.03
N VAL A 399 2.82 -3.77 -33.02
CA VAL A 399 4.10 -4.46 -33.17
C VAL A 399 5.24 -3.51 -32.80
N PHE A 400 6.06 -3.89 -31.83
CA PHE A 400 7.30 -3.16 -31.56
C PHE A 400 8.35 -3.64 -32.54
N ARG A 401 8.93 -2.73 -33.32
CA ARG A 401 10.03 -3.08 -34.22
C ARG A 401 11.19 -2.13 -33.95
N ILE A 402 12.40 -2.68 -33.95
CA ILE A 402 13.59 -1.85 -33.83
C ILE A 402 13.77 -1.01 -35.09
N ASP A 403 14.03 0.29 -34.89
CA ASP A 403 14.46 1.18 -35.97
C ASP A 403 15.49 2.12 -35.37
N GLU A 404 16.77 1.95 -35.71
CA GLU A 404 17.82 2.75 -35.08
C GLU A 404 17.89 4.18 -35.64
N ASP A 405 17.12 4.52 -36.67
CA ASP A 405 16.99 5.92 -37.06
C ASP A 405 15.92 6.65 -36.26
N LYS A 406 15.01 5.92 -35.61
CA LYS A 406 13.98 6.47 -34.72
C LYS A 406 14.34 6.27 -33.26
N ASN A 407 14.68 5.04 -32.87
CA ASN A 407 15.31 4.72 -31.58
C ASN A 407 14.36 4.97 -30.42
N TYR A 408 13.37 4.08 -30.31
CA TYR A 408 12.38 4.10 -29.25
C TYR A 408 12.52 2.83 -28.43
N ASP A 409 12.31 2.93 -27.11
CA ASP A 409 12.15 1.74 -26.31
C ASP A 409 10.70 1.26 -26.37
N VAL A 410 10.43 0.14 -25.70
CA VAL A 410 9.11 -0.47 -25.80
C VAL A 410 8.07 0.30 -25.01
N ASP A 411 8.49 1.24 -24.17
CA ASP A 411 7.54 2.07 -23.45
C ASP A 411 6.67 2.87 -24.40
N VAL A 412 7.25 3.40 -25.48
CA VAL A 412 6.45 4.12 -26.46
C VAL A 412 5.41 3.20 -27.08
N ALA A 413 5.82 1.99 -27.46
CA ALA A 413 4.87 1.05 -28.06
C ALA A 413 3.78 0.64 -27.07
N ILE A 414 4.11 0.56 -25.78
CA ILE A 414 3.09 0.29 -24.76
C ILE A 414 2.11 1.44 -24.68
N LEU A 415 2.61 2.68 -24.71
CA LEU A 415 1.71 3.83 -24.63
C LEU A 415 0.86 3.95 -25.89
N GLN A 416 1.46 3.72 -27.06
CA GLN A 416 0.69 3.75 -28.31
C GLN A 416 -0.40 2.70 -28.29
N ALA A 417 -0.10 1.52 -27.72
CA ALA A 417 -1.10 0.49 -27.54
C ALA A 417 -2.27 1.00 -26.72
N LEU A 418 -1.98 1.62 -25.58
CA LEU A 418 -3.03 2.12 -24.69
C LEU A 418 -3.83 3.21 -25.36
N LEU A 419 -3.17 4.11 -26.08
CA LEU A 419 -3.87 5.19 -26.74
C LEU A 419 -4.74 4.65 -27.89
N LYS A 420 -4.21 3.71 -28.66
CA LYS A 420 -4.98 3.18 -29.78
C LYS A 420 -6.19 2.40 -29.30
N ALA A 421 -6.06 1.67 -28.20
CA ALA A 421 -7.20 0.94 -27.66
C ALA A 421 -8.23 1.90 -27.10
N SER A 422 -7.79 2.83 -26.24
CA SER A 422 -8.67 3.83 -25.65
C SER A 422 -9.41 4.66 -26.69
N ARG A 423 -8.70 5.03 -27.77
CA ARG A 423 -9.25 5.90 -28.82
C ARG A 423 -9.82 7.21 -28.24
N LYS B 38 -3.70 11.02 -15.27
CA LYS B 38 -3.41 10.19 -16.44
C LYS B 38 -2.88 8.83 -15.89
N LEU B 39 -1.83 8.31 -16.52
CA LEU B 39 -1.14 7.09 -16.11
C LEU B 39 0.00 7.42 -15.17
N ASP B 40 0.56 8.63 -15.27
CA ASP B 40 1.62 9.05 -14.36
C ASP B 40 1.09 9.08 -12.94
N LYS B 41 1.89 8.53 -12.03
CA LYS B 41 1.55 8.51 -10.60
C LYS B 41 1.25 9.90 -10.07
N ARG B 42 2.05 10.89 -10.48
CA ARG B 42 1.87 12.25 -9.95
C ARG B 42 0.62 12.90 -10.53
N CYS B 43 0.35 12.71 -11.82
CA CYS B 43 -0.77 13.39 -12.45
C CYS B 43 -2.09 12.76 -12.04
N SER B 44 -2.10 11.44 -11.89
CA SER B 44 -3.21 10.75 -11.24
C SER B 44 -3.54 11.36 -9.88
N LEU B 45 -2.53 11.50 -9.04
CA LEU B 45 -2.77 12.05 -7.70
C LEU B 45 -3.19 13.50 -7.78
N ALA B 46 -2.51 14.30 -8.62
CA ALA B 46 -2.84 15.71 -8.75
C ALA B 46 -4.27 15.90 -9.23
N SER B 47 -4.69 15.09 -10.22
CA SER B 47 -6.04 15.19 -10.75
C SER B 47 -7.08 14.83 -9.70
N TRP B 48 -6.87 13.73 -8.98
CA TRP B 48 -7.82 13.35 -7.94
C TRP B 48 -7.89 14.41 -6.83
N ILE B 49 -6.74 14.96 -6.43
CA ILE B 49 -6.73 15.94 -5.34
C ILE B 49 -7.43 17.22 -5.77
N LYS B 50 -7.10 17.71 -6.97
CA LYS B 50 -7.74 18.91 -7.48
C LYS B 50 -9.24 18.74 -7.62
N GLU B 51 -9.73 17.52 -7.88
CA GLU B 51 -11.15 17.32 -8.11
C GLU B 51 -11.93 17.07 -6.82
N ASN B 52 -11.28 16.64 -5.75
CA ASN B 52 -11.98 16.17 -4.58
C ASN B 52 -11.63 16.90 -3.30
N ILE B 53 -10.40 17.38 -3.15
CA ILE B 53 -9.97 18.01 -1.90
C ILE B 53 -10.11 19.52 -1.99
N LYS B 54 -10.64 20.12 -0.93
CA LYS B 54 -10.93 21.54 -0.86
C LYS B 54 -10.01 22.24 0.14
N LYS B 55 -9.75 23.51 -0.13
CA LYS B 55 -9.27 24.44 0.89
C LYS B 55 -10.46 25.23 1.42
N LYS B 56 -10.21 26.09 2.41
CA LYS B 56 -11.22 27.01 2.89
C LYS B 56 -10.73 28.44 2.70
N GLU B 57 -11.64 29.31 2.28
CA GLU B 57 -11.32 30.73 2.14
C GLU B 57 -12.43 31.56 2.75
N CYS B 58 -12.03 32.64 3.41
CA CYS B 58 -12.97 33.60 3.95
C CYS B 58 -13.70 34.32 2.82
N CYS B 59 -15.02 34.45 2.92
CA CYS B 59 -15.82 35.16 1.93
C CYS B 59 -16.52 36.37 2.54
N PHE B 60 -15.98 36.91 3.64
CA PHE B 60 -16.63 38.02 4.31
C PHE B 60 -15.57 38.78 5.11
N TYR B 61 -15.03 39.85 4.52
CA TYR B 61 -13.96 40.60 5.18
C TYR B 61 -14.57 41.51 6.25
N VAL B 62 -14.25 41.24 7.52
CA VAL B 62 -14.76 42.01 8.64
C VAL B 62 -13.61 42.16 9.65
N GLU B 63 -13.25 43.39 9.96
CA GLU B 63 -12.13 43.61 10.84
C GLU B 63 -12.51 43.29 12.28
N ASP B 64 -11.48 43.09 13.10
CA ASP B 64 -11.67 42.67 14.48
C ASP B 64 -10.79 43.53 15.41
N GLY B 65 -10.97 44.85 15.32
CA GLY B 65 -10.29 45.80 16.18
C GLY B 65 -8.98 46.37 15.64
N ARG B 66 -8.45 45.82 14.55
CA ARG B 66 -7.19 46.28 13.96
C ARG B 66 -7.40 46.48 12.45
N GLU B 67 -7.01 47.64 11.95
CA GLU B 67 -7.24 47.97 10.55
C GLU B 67 -6.42 47.04 9.66
N GLY B 68 -7.04 46.58 8.57
CA GLY B 68 -6.35 45.80 7.56
C GLY B 68 -6.29 44.31 7.82
N ILE B 69 -6.78 43.83 8.96
CA ILE B 69 -6.78 42.40 9.28
C ILE B 69 -8.20 41.98 9.61
N CYS B 70 -8.67 40.95 8.93
CA CYS B 70 -9.99 40.38 9.09
C CYS B 70 -10.07 39.53 10.36
N LYS B 71 -11.31 39.25 10.78
CA LYS B 71 -11.50 38.29 11.85
C LYS B 71 -10.90 36.94 11.53
N CYS B 72 -10.81 36.59 10.23
CA CYS B 72 -10.20 35.31 9.87
C CYS B 72 -8.68 35.29 10.06
N GLY B 73 -8.04 36.42 10.41
CA GLY B 73 -6.60 36.47 10.53
C GLY B 73 -5.87 36.89 9.27
N TYR B 74 -6.54 36.89 8.11
CA TYR B 74 -5.81 37.31 6.92
C TYR B 74 -5.96 38.81 6.68
N PRO B 75 -4.94 39.44 6.12
CA PRO B 75 -5.06 40.83 5.68
C PRO B 75 -6.07 41.00 4.56
N LYS B 76 -6.60 42.22 4.45
CA LYS B 76 -7.58 42.54 3.42
C LYS B 76 -7.06 42.16 2.03
N VAL B 77 -5.82 42.55 1.70
CA VAL B 77 -5.29 42.36 0.35
C VAL B 77 -5.17 40.88 -0.01
N GLN B 78 -5.19 39.98 0.97
CA GLN B 78 -5.18 38.56 0.67
C GLN B 78 -6.59 37.97 0.62
N HIS B 79 -7.62 38.81 0.53
CA HIS B 79 -8.97 38.30 0.37
C HIS B 79 -9.38 38.34 -1.09
N CYS B 80 -10.31 37.45 -1.45
CA CYS B 80 -10.92 37.57 -2.76
C CYS B 80 -11.80 38.81 -2.80
N ASP B 81 -11.98 39.35 -4.00
CA ASP B 81 -12.78 40.56 -4.10
C ASP B 81 -14.22 40.33 -3.66
N GLU B 82 -14.71 39.11 -3.85
CA GLU B 82 -16.07 38.77 -3.42
C GLU B 82 -16.23 38.90 -1.91
N ALA B 83 -15.15 38.77 -1.14
CA ALA B 83 -15.24 38.92 0.30
C ALA B 83 -15.48 40.36 0.72
N ILE B 84 -15.29 41.32 -0.18
CA ILE B 84 -15.44 42.73 0.17
C ILE B 84 -16.90 43.13 -0.02
N LYS B 85 -17.56 43.46 1.09
CA LYS B 85 -18.96 43.88 1.08
C LYS B 85 -19.91 42.96 0.32
N PRO B 86 -19.99 41.67 0.69
CA PRO B 86 -21.01 40.81 0.07
C PRO B 86 -22.39 41.18 0.61
N GLU B 87 -23.33 41.47 -0.29
CA GLU B 87 -24.67 41.87 0.14
C GLU B 87 -25.34 40.79 0.98
N ASP B 88 -24.97 39.53 0.78
CA ASP B 88 -25.59 38.43 1.51
C ASP B 88 -25.34 38.50 3.02
N TYR B 89 -24.26 39.14 3.45
CA TYR B 89 -23.88 39.13 4.87
C TYR B 89 -23.87 40.51 5.52
N MSE B 90 -24.47 41.51 4.89
CA MSE B 90 -24.44 42.86 5.43
C MSE B 90 -24.99 42.94 6.85
O MSE B 90 -26.01 42.33 7.16
CB MSE B 90 -25.20 43.82 4.52
CG MSE B 90 -24.57 43.94 3.14
SE MSE B 90 -22.87 44.91 3.10
CE MSE B 90 -21.59 43.49 3.55
N GLY B 91 -24.29 43.68 7.71
CA GLY B 91 -24.69 43.86 9.09
C GLY B 91 -24.45 42.65 9.98
N GLU B 92 -23.77 41.63 9.49
CA GLU B 92 -23.64 40.36 10.21
C GLU B 92 -22.36 40.28 11.02
N GLN B 93 -22.44 39.56 12.13
CA GLN B 93 -21.26 39.22 12.91
C GLN B 93 -20.50 38.08 12.23
N TRP B 94 -19.21 38.29 12.00
CA TRP B 94 -18.39 37.28 11.32
C TRP B 94 -18.44 35.96 12.07
N ASP B 95 -18.61 34.88 11.32
CA ASP B 95 -18.81 33.53 11.86
C ASP B 95 -18.07 32.55 10.95
N LYS B 96 -17.10 31.82 11.52
CA LYS B 96 -16.25 30.96 10.70
C LYS B 96 -17.00 29.79 10.10
N HIS B 97 -18.20 29.47 10.58
CA HIS B 97 -18.95 28.36 10.02
C HIS B 97 -19.94 28.81 8.95
N ARG B 98 -20.16 30.11 8.80
CA ARG B 98 -21.06 30.61 7.79
C ARG B 98 -20.37 31.47 6.72
N HIS B 99 -19.20 32.05 7.02
CA HIS B 99 -18.56 33.01 6.13
C HIS B 99 -17.27 32.48 5.53
N VAL B 100 -17.04 31.19 5.57
CA VAL B 100 -15.92 30.63 4.84
C VAL B 100 -16.47 29.58 3.90
N ARG B 101 -15.82 29.44 2.75
CA ARG B 101 -16.31 28.54 1.73
C ARG B 101 -15.19 27.67 1.23
N GLU B 102 -15.57 26.50 0.73
CA GLU B 102 -14.63 25.50 0.25
C GLU B 102 -14.46 25.59 -1.25
N THR B 103 -13.22 25.50 -1.69
CA THR B 103 -12.83 25.61 -3.09
C THR B 103 -11.70 24.63 -3.32
N PRO B 104 -11.48 24.19 -4.56
CA PRO B 104 -10.40 23.24 -4.84
C PRO B 104 -9.10 23.67 -4.17
N THR B 105 -8.42 22.71 -3.57
CA THR B 105 -7.22 23.09 -2.84
C THR B 105 -6.10 23.45 -3.80
N ASP B 106 -5.18 24.26 -3.31
CA ASP B 106 -4.13 24.85 -4.12
C ASP B 106 -2.74 24.55 -3.57
N ALA B 107 -2.60 23.53 -2.71
CA ALA B 107 -1.31 23.25 -2.10
C ALA B 107 -1.25 21.74 -1.87
N PHE B 108 -0.49 21.04 -2.70
CA PHE B 108 -0.42 19.59 -2.57
C PHE B 108 0.74 19.08 -3.41
N GLY B 109 1.21 17.86 -3.08
CA GLY B 109 2.23 17.21 -3.85
C GLY B 109 3.32 16.60 -2.99
N ASP B 110 4.56 16.64 -3.46
CA ASP B 110 5.71 16.17 -2.69
C ASP B 110 6.42 17.36 -2.08
N ILE B 111 7.05 17.13 -0.93
CA ILE B 111 7.74 18.20 -0.21
C ILE B 111 9.17 17.78 0.06
N SER B 112 10.10 18.67 -0.29
CA SER B 112 11.53 18.46 -0.09
C SER B 112 12.03 19.47 0.92
N PHE B 113 12.66 18.97 1.98
CA PHE B 113 13.32 19.82 2.96
C PHE B 113 14.81 20.02 2.65
N GLY B 114 15.27 19.52 1.52
CA GLY B 114 16.66 19.72 1.11
C GLY B 114 17.64 18.89 1.93
N GLY B 115 18.89 18.80 1.46
CA GLY B 115 19.90 18.14 2.28
C GLY B 115 19.99 16.63 2.14
N LEU B 116 21.21 16.12 2.05
CA LEU B 116 21.56 14.68 2.07
C LEU B 116 20.87 13.99 0.88
N GLY B 117 20.40 12.75 1.06
CA GLY B 117 19.58 12.08 0.10
C GLY B 117 18.22 11.80 0.72
N GLN B 118 17.68 12.82 1.40
CA GLN B 118 16.38 12.68 2.06
C GLN B 118 15.29 12.42 1.04
N LYS B 119 14.44 11.43 1.34
CA LYS B 119 13.25 11.20 0.54
C LYS B 119 12.30 12.39 0.65
N THR B 120 11.65 12.71 -0.45
CA THR B 120 10.54 13.65 -0.38
C THR B 120 9.43 13.09 0.49
N GLY B 121 8.77 13.99 1.21
CA GLY B 121 7.50 13.70 1.85
C GLY B 121 6.32 14.07 0.95
N LYS B 122 5.13 13.84 1.48
CA LYS B 122 3.90 14.14 0.75
C LYS B 122 3.04 15.06 1.61
N TYR B 123 2.30 15.98 0.96
CA TYR B 123 1.47 16.89 1.74
C TYR B 123 0.20 17.24 0.97
N VAL B 124 -0.85 17.61 1.70
CA VAL B 124 -2.05 18.20 1.11
C VAL B 124 -2.61 19.22 2.08
N ARG B 125 -3.02 20.37 1.55
CA ARG B 125 -3.81 21.32 2.32
C ARG B 125 -5.25 20.85 2.24
N VAL B 126 -5.86 20.52 3.38
CA VAL B 126 -7.19 19.91 3.40
C VAL B 126 -8.14 20.75 4.24
N SER B 127 -9.36 20.92 3.76
CA SER B 127 -10.37 21.59 4.55
C SER B 127 -10.59 20.85 5.87
N SER B 128 -10.82 21.63 6.94
CA SER B 128 -11.20 21.07 8.22
C SER B 128 -12.46 20.21 8.13
N ASP B 129 -13.32 20.45 7.14
CA ASP B 129 -14.54 19.67 6.99
C ASP B 129 -14.41 18.57 5.96
N THR B 130 -13.19 18.16 5.62
CA THR B 130 -12.99 17.08 4.66
C THR B 130 -13.62 15.80 5.17
N SER B 131 -14.35 15.11 4.29
CA SER B 131 -15.09 13.93 4.70
C SER B 131 -14.14 12.80 5.09
N CYS B 132 -14.61 11.91 5.96
CA CYS B 132 -13.81 10.75 6.33
C CYS B 132 -13.52 9.88 5.11
N GLU B 133 -14.51 9.71 4.23
CA GLU B 133 -14.27 8.94 3.01
C GLU B 133 -13.17 9.57 2.16
N ASN B 134 -13.10 10.89 2.11
CA ASN B 134 -12.07 11.50 1.29
C ASN B 134 -10.71 11.45 1.97
N LEU B 135 -10.67 11.55 3.30
CA LEU B 135 -9.42 11.32 4.00
C LEU B 135 -8.93 9.91 3.78
N TYR B 136 -9.85 8.93 3.84
CA TYR B 136 -9.48 7.52 3.65
C TYR B 136 -8.93 7.28 2.24
N GLN B 137 -9.62 7.77 1.23
CA GLN B 137 -9.16 7.59 -0.15
C GLN B 137 -7.80 8.25 -0.37
N LEU B 138 -7.64 9.49 0.10
CA LEU B 138 -6.37 10.19 -0.05
C LEU B 138 -5.23 9.36 0.50
N MSE B 139 -5.39 8.86 1.71
CA MSE B 139 -4.31 8.12 2.36
C MSE B 139 -4.08 6.74 1.77
O MSE B 139 -2.94 6.33 1.60
CB MSE B 139 -4.58 7.97 3.86
CG MSE B 139 -4.13 9.14 4.72
SE MSE B 139 -5.03 9.18 6.47
CE MSE B 139 -4.33 7.82 7.54
N THR B 140 -5.15 6.00 1.49
CA THR B 140 -4.97 4.62 1.08
C THR B 140 -4.82 4.46 -0.43
N GLU B 141 -5.44 5.31 -1.24
CA GLU B 141 -5.43 5.09 -2.69
C GLU B 141 -4.60 6.11 -3.46
N GLN B 142 -4.38 7.31 -2.92
CA GLN B 142 -3.52 8.29 -3.56
C GLN B 142 -2.11 8.28 -2.96
N TRP B 143 -2.01 8.52 -1.66
CA TRP B 143 -0.73 8.29 -0.99
C TRP B 143 -0.32 6.82 -0.95
N LYS B 144 -1.26 5.88 -1.15
CA LYS B 144 -0.97 4.43 -1.18
C LYS B 144 -0.39 3.94 0.15
N LEU B 145 -0.81 4.51 1.26
CA LEU B 145 -0.34 4.06 2.56
C LEU B 145 -0.81 2.63 2.83
N ARG B 146 0.13 1.78 3.25
CA ARG B 146 -0.23 0.42 3.63
C ARG B 146 -0.94 0.44 4.98
N SER B 147 -2.13 -0.14 5.03
CA SER B 147 -2.94 -0.13 6.24
C SER B 147 -2.18 -0.75 7.41
N PRO B 148 -2.27 -0.17 8.58
CA PRO B 148 -1.40 -0.60 9.69
C PRO B 148 -2.09 -1.59 10.62
N ASN B 149 -1.34 -2.32 11.44
CA ASN B 149 -1.95 -3.16 12.45
C ASN B 149 -2.20 -2.39 13.73
N LEU B 150 -1.72 -1.16 13.78
CA LEU B 150 -1.74 -0.37 15.01
C LEU B 150 -1.57 1.09 14.61
N LEU B 151 -2.28 1.98 15.31
CA LEU B 151 -2.07 3.42 15.20
C LEU B 151 -1.46 3.91 16.52
N ILE B 152 -0.30 4.56 16.44
CA ILE B 152 0.34 5.15 17.60
C ILE B 152 0.13 6.66 17.49
N SER B 153 -0.76 7.20 18.30
CA SER B 153 -0.99 8.62 18.31
C SER B 153 -0.09 9.20 19.39
N VAL B 154 0.81 10.10 19.02
CA VAL B 154 1.70 10.75 19.98
C VAL B 154 1.23 12.17 20.22
N THR B 155 1.12 12.56 21.48
CA THR B 155 0.63 13.89 21.82
C THR B 155 1.41 14.40 23.00
N GLY B 156 1.22 15.69 23.31
CA GLY B 156 1.91 16.31 24.43
C GLY B 156 2.46 17.70 24.12
N GLY B 157 3.65 18.01 24.63
CA GLY B 157 4.14 19.38 24.60
C GLY B 157 4.30 19.92 23.19
N ALA B 158 3.81 21.14 22.96
CA ALA B 158 3.95 21.72 21.63
C ALA B 158 5.19 22.59 21.52
N LYS B 159 5.64 23.19 22.61
CA LYS B 159 6.88 23.95 22.61
C LYS B 159 8.04 23.01 22.94
N ASN B 160 9.24 23.40 22.50
CA ASN B 160 10.39 22.53 22.65
C ASN B 160 10.62 22.22 24.11
N PHE B 161 10.92 20.96 24.41
CA PHE B 161 11.34 20.59 25.75
C PHE B 161 12.46 19.57 25.66
N TYR B 162 13.22 19.49 26.74
CA TYR B 162 14.37 18.60 26.81
C TYR B 162 13.98 17.33 27.55
N ILE B 163 14.48 16.21 27.05
CA ILE B 163 14.34 14.91 27.70
C ILE B 163 15.72 14.36 27.96
N LYS B 164 15.95 13.91 29.19
CA LYS B 164 17.22 13.24 29.50
C LYS B 164 17.43 12.04 28.59
N THR B 165 18.71 11.73 28.37
CA THR B 165 19.11 10.78 27.34
C THR B 165 18.51 9.41 27.57
N HIS B 166 18.59 8.92 28.81
CA HIS B 166 18.11 7.58 29.12
C HIS B 166 16.66 7.41 28.68
N LEU B 167 15.81 8.36 29.06
CA LEU B 167 14.40 8.29 28.68
C LEU B 167 14.20 8.52 27.18
N LYS B 168 15.01 9.40 26.57
CA LYS B 168 14.92 9.62 25.14
C LYS B 168 15.29 8.36 24.37
N ASP B 169 16.34 7.67 24.82
CA ASP B 169 16.73 6.42 24.18
C ASP B 169 15.65 5.35 24.31
N LYS B 170 15.07 5.22 25.50
CA LYS B 170 13.96 4.29 25.71
C LYS B 170 12.80 4.61 24.78
N PHE B 171 12.48 5.90 24.63
CA PHE B 171 11.40 6.31 23.76
C PHE B 171 11.69 5.92 22.31
N ARG B 172 12.85 6.32 21.80
CA ARG B 172 13.21 5.99 20.42
C ARG B 172 13.16 4.48 20.17
N ARG B 173 13.92 3.71 20.95
CA ARG B 173 13.98 2.28 20.68
C ARG B 173 12.61 1.64 20.77
N GLY B 174 11.82 2.01 21.78
CA GLY B 174 10.51 1.39 21.93
C GLY B 174 9.57 1.77 20.80
N LEU B 175 9.60 3.05 20.40
CA LEU B 175 8.73 3.51 19.33
C LEU B 175 9.01 2.79 18.03
N ILE B 176 10.30 2.65 17.66
CA ILE B 176 10.70 2.02 16.41
C ILE B 176 10.38 0.53 16.43
N LYS B 177 10.70 -0.14 17.54
CA LYS B 177 10.43 -1.57 17.63
C LYS B 177 8.96 -1.88 17.43
N VAL B 178 8.06 -1.11 18.07
CA VAL B 178 6.63 -1.38 17.88
C VAL B 178 6.19 -1.04 16.47
N ALA B 179 6.65 0.10 15.93
CA ALA B 179 6.18 0.50 14.61
C ALA B 179 6.65 -0.46 13.54
N GLN B 180 7.88 -0.96 13.66
CA GLN B 180 8.40 -1.94 12.71
C GLN B 180 7.66 -3.26 12.82
N THR B 181 7.42 -3.73 14.04
CA THR B 181 6.90 -5.08 14.16
C THR B 181 5.42 -5.13 13.77
N THR B 182 4.67 -4.06 13.99
CA THR B 182 3.25 -4.02 13.70
C THR B 182 2.89 -3.27 12.44
N GLY B 183 3.87 -2.68 11.73
CA GLY B 183 3.58 -1.82 10.59
C GLY B 183 2.79 -0.58 10.94
N ALA B 184 2.94 -0.07 12.15
CA ALA B 184 2.08 0.98 12.63
C ALA B 184 2.29 2.27 11.87
N TRP B 185 1.21 3.06 11.78
CA TRP B 185 1.36 4.47 11.48
C TRP B 185 1.57 5.24 12.78
N ILE B 186 2.49 6.21 12.75
CA ILE B 186 2.69 7.14 13.84
C ILE B 186 2.07 8.46 13.43
N LEU B 187 1.30 9.05 14.33
CA LEU B 187 0.54 10.27 14.07
C LEU B 187 0.93 11.33 15.09
N THR B 188 1.27 12.54 14.62
CA THR B 188 1.62 13.67 15.48
C THR B 188 1.05 14.96 14.90
N GLY B 189 1.29 16.06 15.60
CA GLY B 189 0.94 17.38 15.10
C GLY B 189 1.84 17.90 13.99
N GLY B 190 2.95 17.22 13.69
CA GLY B 190 3.69 17.42 12.46
C GLY B 190 4.57 18.65 12.37
N THR B 191 4.63 19.48 13.41
CA THR B 191 5.45 20.69 13.34
C THR B 191 6.80 20.44 14.03
N HIS B 192 7.74 21.32 13.73
CA HIS B 192 9.14 21.13 14.14
C HIS B 192 9.39 21.74 15.53
N ALA B 193 8.69 21.19 16.52
CA ALA B 193 8.81 21.65 17.89
C ALA B 193 8.18 20.60 18.81
N GLY B 194 8.54 20.67 20.09
CA GLY B 194 7.86 19.87 21.09
C GLY B 194 8.01 18.38 20.86
N VAL B 195 6.96 17.64 21.19
CA VAL B 195 6.97 16.19 21.10
C VAL B 195 7.01 15.74 19.63
N MSE B 196 6.45 16.53 18.74
CA MSE B 196 6.49 16.17 17.31
C MSE B 196 7.91 16.17 16.79
O MSE B 196 8.29 15.29 16.01
CB MSE B 196 5.64 17.12 16.50
CG MSE B 196 4.22 17.06 16.97
SE MSE B 196 3.46 18.81 17.04
CE MSE B 196 4.26 19.44 18.69
N LYS B 197 8.71 17.15 17.22
CA LYS B 197 10.11 17.14 16.86
C LYS B 197 10.80 15.90 17.41
N HIS B 198 10.48 15.55 18.67
CA HIS B 198 11.11 14.39 19.31
C HIS B 198 10.76 13.10 18.58
N VAL B 199 9.51 12.94 18.16
CA VAL B 199 9.15 11.80 17.33
C VAL B 199 9.99 11.79 16.06
N GLY B 200 10.04 12.91 15.35
CA GLY B 200 10.82 12.97 14.12
C GLY B 200 12.27 12.60 14.31
N MSE B 201 12.87 13.06 15.41
CA MSE B 201 14.26 12.71 15.69
C MSE B 201 14.37 11.23 16.01
O MSE B 201 15.36 10.59 15.66
CB MSE B 201 14.80 13.53 16.87
CG MSE B 201 14.70 15.03 16.67
SE MSE B 201 16.01 16.05 17.72
CE MSE B 201 15.06 16.20 19.41
N ALA B 202 13.37 10.68 16.69
CA ALA B 202 13.41 9.26 17.02
C ALA B 202 13.40 8.42 15.74
N VAL B 203 12.55 8.78 14.77
CA VAL B 203 12.39 7.96 13.58
C VAL B 203 13.35 8.32 12.46
N ARG B 204 14.15 9.37 12.58
CA ARG B 204 15.07 9.69 11.49
C ARG B 204 16.10 8.55 11.40
N ASP B 205 15.96 7.74 10.35
CA ASP B 205 16.61 6.44 10.30
C ASP B 205 18.09 6.56 10.03
N GLY B 215 12.64 -0.06 5.18
CA GLY B 215 11.91 0.18 6.41
C GLY B 215 10.64 0.99 6.23
N GLN B 216 10.81 2.26 5.85
CA GLN B 216 9.70 3.19 5.65
C GLN B 216 8.70 3.16 6.80
N ILE B 217 9.06 3.76 7.93
CA ILE B 217 8.09 4.06 8.98
C ILE B 217 7.22 5.22 8.51
N VAL B 218 5.91 5.08 8.63
CA VAL B 218 4.97 6.13 8.23
C VAL B 218 4.73 7.05 9.43
N VAL B 219 5.02 8.34 9.26
CA VAL B 219 4.90 9.34 10.33
C VAL B 219 4.05 10.49 9.79
N ILE B 220 2.77 10.51 10.17
CA ILE B 220 1.80 11.47 9.63
C ILE B 220 1.72 12.69 10.54
N GLY B 221 1.86 13.88 9.97
CA GLY B 221 1.66 15.10 10.70
C GLY B 221 0.33 15.71 10.31
N VAL B 222 -0.44 16.05 11.32
CA VAL B 222 -1.71 16.72 11.14
C VAL B 222 -1.53 18.09 11.77
N ALA B 223 -1.32 19.09 10.95
CA ALA B 223 -0.86 20.39 11.39
C ALA B 223 -1.84 21.44 10.90
N PRO B 224 -1.91 22.60 11.57
CA PRO B 224 -2.85 23.63 11.10
C PRO B 224 -2.18 24.45 10.00
N TRP B 225 -2.79 24.45 8.81
CA TRP B 225 -2.25 25.20 7.68
C TRP B 225 -1.97 26.64 8.04
N GLY B 226 -2.87 27.24 8.83
CA GLY B 226 -2.81 28.65 9.08
C GLY B 226 -1.70 29.11 10.00
N VAL B 227 -0.88 28.20 10.52
CA VAL B 227 0.26 28.67 11.30
C VAL B 227 1.59 28.16 10.71
N ILE B 228 1.59 27.70 9.47
CA ILE B 228 2.82 27.17 8.88
C ILE B 228 3.64 28.33 8.32
N HIS B 229 4.80 28.56 8.93
CA HIS B 229 5.75 29.54 8.42
C HIS B 229 6.29 29.10 7.07
N ASN B 230 6.44 30.06 6.15
CA ASN B 230 7.06 29.83 4.85
C ASN B 230 6.24 28.90 3.97
N ARG B 231 4.92 28.82 4.22
CA ARG B 231 4.10 27.91 3.42
C ARG B 231 3.83 28.42 2.01
N SER B 232 4.22 29.66 1.68
CA SER B 232 4.00 30.17 0.33
C SER B 232 4.61 29.27 -0.74
N THR B 233 5.69 28.54 -0.42
CA THR B 233 6.33 27.69 -1.41
C THR B 233 5.57 26.39 -1.68
N LEU B 234 4.58 26.06 -0.87
CA LEU B 234 3.76 24.87 -1.09
C LEU B 234 2.57 25.13 -1.99
N ILE B 235 2.24 26.40 -2.24
CA ILE B 235 1.04 26.78 -2.97
C ILE B 235 1.30 26.79 -4.47
N HIS B 236 0.57 25.95 -5.23
CA HIS B 236 0.47 26.03 -6.69
C HIS B 236 -0.82 25.33 -7.12
N PRO B 237 -1.60 25.92 -8.04
CA PRO B 237 -2.84 25.27 -8.48
C PRO B 237 -2.67 23.85 -9.02
N GLU B 238 -1.57 23.57 -9.72
CA GLU B 238 -1.31 22.24 -10.27
C GLU B 238 -0.47 21.34 -9.36
N GLY B 239 -0.19 21.75 -8.13
CA GLY B 239 0.62 20.96 -7.23
C GLY B 239 2.10 21.25 -7.41
N ARG B 240 2.90 20.74 -6.47
CA ARG B 240 4.35 20.92 -6.53
C ARG B 240 5.02 19.56 -6.38
N PHE B 241 5.92 19.25 -7.31
CA PHE B 241 6.53 17.92 -7.42
C PHE B 241 8.02 18.07 -7.72
N PRO B 242 8.82 18.45 -6.71
CA PRO B 242 8.42 18.76 -5.32
C PRO B 242 8.30 20.25 -5.01
N ALA B 243 7.68 20.60 -3.88
CA ALA B 243 7.87 21.91 -3.28
C ALA B 243 9.16 21.91 -2.48
N TYR B 244 9.90 23.01 -2.56
CA TYR B 244 11.16 23.15 -1.84
C TYR B 244 10.89 23.97 -0.59
N TYR B 245 10.81 23.29 0.55
CA TYR B 245 10.42 23.91 1.80
C TYR B 245 11.67 24.27 2.59
N SER B 246 11.82 25.55 2.94
CA SER B 246 12.94 26.02 3.74
C SER B 246 12.57 26.08 5.22
N LEU B 247 13.45 25.56 6.07
CA LEU B 247 13.23 25.55 7.52
C LEU B 247 13.89 26.78 8.16
N ASP B 248 13.23 27.93 7.98
CA ASP B 248 13.69 29.19 8.59
C ASP B 248 13.15 29.29 10.01
N GLU B 249 13.74 28.48 10.91
CA GLU B 249 13.35 28.55 12.32
C GLU B 249 13.59 29.93 12.89
N GLN B 250 14.57 30.67 12.37
CA GLN B 250 14.58 32.11 12.54
C GLN B 250 13.59 32.71 11.56
N GLY B 251 12.65 33.49 12.08
CA GLY B 251 11.66 34.13 11.25
C GLY B 251 10.25 33.65 11.46
N GLN B 252 10.06 32.55 12.21
CA GLN B 252 8.71 32.05 12.45
C GLN B 252 7.87 33.05 13.23
N GLY B 253 8.50 33.89 14.04
CA GLY B 253 7.72 34.66 15.00
C GLY B 253 6.98 33.69 15.89
N ARG B 254 5.66 33.81 15.93
CA ARG B 254 4.81 32.89 16.67
C ARG B 254 4.29 31.75 15.80
N LEU B 255 4.81 31.60 14.59
CA LEU B 255 4.38 30.55 13.69
C LEU B 255 5.27 29.32 13.84
N SER B 256 4.90 28.24 13.15
CA SER B 256 5.60 26.97 13.23
C SER B 256 6.07 26.51 11.85
N CYS B 257 7.12 25.69 11.85
CA CYS B 257 7.62 25.04 10.64
C CYS B 257 7.22 23.58 10.60
N LEU B 258 7.13 23.03 9.40
CA LEU B 258 6.86 21.59 9.24
C LEU B 258 8.06 20.78 9.71
N ASP B 259 7.79 19.64 10.36
CA ASP B 259 8.88 18.83 10.86
C ASP B 259 9.52 18.02 9.73
N ILE B 260 10.85 18.15 9.61
CA ILE B 260 11.59 17.62 8.47
C ILE B 260 11.66 16.10 8.42
N ASN B 261 11.26 15.41 9.48
CA ASN B 261 11.37 13.97 9.54
C ASN B 261 10.02 13.28 9.46
N HIS B 262 8.95 14.01 9.16
CA HIS B 262 7.66 13.38 8.96
C HIS B 262 7.53 13.01 7.50
N THR B 263 6.75 11.96 7.21
CA THR B 263 6.66 11.48 5.84
C THR B 263 5.41 11.96 5.11
N HIS B 264 4.33 12.26 5.82
CA HIS B 264 3.08 12.68 5.19
C HIS B 264 2.44 13.78 6.04
N PHE B 265 1.86 14.79 5.37
CA PHE B 265 1.33 15.95 6.07
C PHE B 265 -0.10 16.22 5.65
N LEU B 266 -1.00 16.32 6.61
CA LEU B 266 -2.33 16.87 6.38
C LEU B 266 -2.34 18.28 6.99
N LEU B 267 -2.36 19.30 6.14
CA LEU B 267 -2.32 20.68 6.62
C LEU B 267 -3.77 21.15 6.69
N VAL B 268 -4.29 21.21 7.91
CA VAL B 268 -5.73 21.39 8.12
C VAL B 268 -6.08 22.87 8.08
N ASP B 269 -7.08 23.22 7.29
CA ASP B 269 -7.37 24.60 6.94
C ASP B 269 -8.85 24.88 7.18
N ASP B 270 -9.16 25.83 8.06
CA ASP B 270 -10.55 26.25 8.27
C ASP B 270 -10.81 27.65 7.75
N GLY B 271 -9.93 28.19 6.90
CA GLY B 271 -10.11 29.53 6.37
C GLY B 271 -9.44 30.63 7.17
N THR B 272 -8.81 30.29 8.29
CA THR B 272 -8.25 31.29 9.19
C THR B 272 -6.74 31.15 9.26
N GLN B 273 -6.07 32.18 9.77
CA GLN B 273 -4.64 32.06 10.01
C GLN B 273 -4.31 32.69 11.35
N GLY B 274 -3.30 32.13 12.01
CA GLY B 274 -2.84 32.66 13.27
C GLY B 274 -3.40 31.96 14.50
N HIS B 275 -4.43 31.14 14.36
CA HIS B 275 -5.05 30.45 15.48
C HIS B 275 -4.46 29.05 15.58
N TYR B 276 -3.91 28.72 16.74
CA TYR B 276 -3.57 27.34 17.00
C TYR B 276 -4.83 26.57 17.41
N GLY B 277 -4.78 25.26 17.26
CA GLY B 277 -5.91 24.43 17.58
C GLY B 277 -6.85 24.13 16.43
N VAL B 278 -6.65 24.75 15.26
CA VAL B 278 -7.51 24.52 14.10
C VAL B 278 -7.62 23.03 13.77
N GLU B 279 -6.50 22.29 13.89
CA GLU B 279 -6.41 20.91 13.41
C GLU B 279 -6.95 19.87 14.40
N ILE B 280 -7.34 20.29 15.61
CA ILE B 280 -7.65 19.34 16.68
C ILE B 280 -8.81 18.44 16.32
N GLU B 281 -9.86 18.99 15.70
CA GLU B 281 -11.05 18.19 15.44
C GLU B 281 -10.78 17.14 14.37
N LEU B 282 -10.04 17.50 13.32
CA LEU B 282 -9.80 16.53 12.25
C LEU B 282 -8.84 15.44 12.72
N ARG B 283 -7.84 15.80 13.52
CA ARG B 283 -6.96 14.82 14.14
C ARG B 283 -7.76 13.79 14.95
N ALA B 284 -8.73 14.24 15.74
CA ALA B 284 -9.59 13.28 16.45
C ALA B 284 -10.39 12.44 15.46
N ARG B 285 -10.94 13.09 14.43
CA ARG B 285 -11.73 12.39 13.43
C ARG B 285 -10.89 11.37 12.68
N LEU B 286 -9.63 11.72 12.39
CA LEU B 286 -8.74 10.80 11.71
C LEU B 286 -8.43 9.58 12.56
N GLU B 287 -8.22 9.78 13.87
CA GLU B 287 -7.94 8.64 14.73
C GLU B 287 -9.15 7.74 14.82
N LYS B 288 -10.33 8.34 14.98
CA LYS B 288 -11.57 7.55 15.04
C LYS B 288 -11.79 6.80 13.74
N LEU B 289 -11.44 7.43 12.61
CA LEU B 289 -11.54 6.79 11.30
C LEU B 289 -10.73 5.49 11.26
N ILE B 290 -9.41 5.61 11.42
CA ILE B 290 -8.54 4.44 11.48
C ILE B 290 -9.02 3.48 12.57
N SER B 291 -9.52 4.03 13.68
CA SER B 291 -10.03 3.22 14.79
C SER B 291 -11.18 2.33 14.34
N LYS B 292 -12.03 2.84 13.44
CA LYS B 292 -13.16 2.06 12.94
C LYS B 292 -12.80 1.14 11.78
N LEU B 293 -11.57 1.22 11.26
CA LEU B 293 -11.23 0.50 10.04
C LEU B 293 -11.38 -1.00 10.22
N SER B 294 -12.26 -1.59 9.40
CA SER B 294 -12.66 -2.99 9.51
C SER B 294 -11.56 -3.87 8.91
N LEU B 295 -10.49 -4.02 9.69
CA LEU B 295 -9.36 -4.84 9.26
C LEU B 295 -9.16 -6.01 10.22
N GLY B 296 -7.90 -6.31 10.56
CA GLY B 296 -7.57 -7.31 11.57
C GLY B 296 -8.15 -8.70 11.40
N ASN B 297 -7.79 -9.38 10.30
CA ASN B 297 -8.34 -10.68 9.90
C ASN B 297 -9.75 -10.53 9.37
N ARG B 298 -9.87 -10.31 8.06
CA ARG B 298 -11.15 -10.24 7.37
C ARG B 298 -11.98 -9.10 7.97
N GLU B 299 -13.16 -9.37 8.54
CA GLU B 299 -13.95 -8.32 9.18
C GLU B 299 -14.31 -8.73 10.60
N SER B 300 -15.43 -9.44 10.77
CA SER B 300 -15.90 -9.95 12.06
C SER B 300 -16.00 -8.75 13.02
N GLY B 301 -15.47 -8.84 14.24
CA GLY B 301 -15.54 -7.72 15.15
C GLY B 301 -14.19 -7.34 15.72
N VAL B 302 -13.32 -6.79 14.88
CA VAL B 302 -11.98 -6.42 15.31
C VAL B 302 -11.48 -5.30 14.43
N THR B 303 -11.07 -4.21 15.07
CA THR B 303 -10.67 -2.99 14.40
C THR B 303 -9.22 -2.69 14.72
N ILE B 304 -8.68 -1.71 14.02
CA ILE B 304 -7.29 -1.31 14.23
C ILE B 304 -7.17 -0.65 15.61
N PRO B 305 -6.39 -1.24 16.51
CA PRO B 305 -6.22 -0.62 17.83
C PRO B 305 -5.41 0.66 17.74
N VAL B 306 -5.69 1.57 18.66
CA VAL B 306 -5.00 2.84 18.76
C VAL B 306 -4.40 2.90 20.16
N VAL B 307 -3.21 3.47 20.28
CA VAL B 307 -2.62 3.77 21.58
C VAL B 307 -2.11 5.20 21.52
N CYS B 308 -2.31 5.94 22.61
CA CYS B 308 -1.90 7.34 22.71
C CYS B 308 -0.70 7.42 23.65
N VAL B 309 0.39 8.04 23.17
CA VAL B 309 1.62 8.19 23.95
C VAL B 309 1.78 9.67 24.27
N VAL B 310 2.10 9.99 25.52
CA VAL B 310 2.09 11.35 26.02
C VAL B 310 3.46 11.71 26.59
N LEU B 311 4.04 12.80 26.10
CA LEU B 311 5.24 13.37 26.69
C LEU B 311 4.99 14.84 26.99
N ASP B 312 5.43 15.27 28.17
CA ASP B 312 5.33 16.69 28.54
C ASP B 312 3.84 17.04 28.50
N GLY B 313 3.45 18.18 27.93
CA GLY B 313 2.05 18.50 27.68
C GLY B 313 1.50 19.57 28.62
N GLY B 314 0.62 20.42 28.07
CA GLY B 314 -0.06 21.40 28.88
C GLY B 314 -1.52 21.01 29.06
N PRO B 315 -2.30 21.90 29.68
CA PRO B 315 -3.70 21.56 29.96
C PRO B 315 -4.55 21.29 28.73
N GLY B 316 -4.13 21.75 27.55
CA GLY B 316 -4.78 21.31 26.32
C GLY B 316 -4.62 19.82 26.08
N THR B 317 -3.46 19.26 26.44
CA THR B 317 -3.29 17.81 26.34
C THR B 317 -4.23 17.08 27.27
N LEU B 318 -4.62 17.72 28.38
CA LEU B 318 -5.52 17.07 29.34
C LEU B 318 -6.85 16.72 28.68
N ASN B 319 -7.41 17.64 27.90
CA ASN B 319 -8.66 17.35 27.22
C ASN B 319 -8.48 16.27 26.18
N THR B 320 -7.39 16.36 25.40
CA THR B 320 -7.12 15.37 24.38
C THR B 320 -7.03 13.96 24.97
N ILE B 321 -6.26 13.81 26.05
CA ILE B 321 -6.15 12.53 26.75
C ILE B 321 -7.51 12.05 27.23
N TYR B 322 -8.28 12.94 27.85
CA TYR B 322 -9.55 12.53 28.43
C TYR B 322 -10.51 12.07 27.35
N ASN B 323 -10.54 12.77 26.22
CA ASN B 323 -11.44 12.39 25.13
C ASN B 323 -11.01 11.08 24.47
N SER B 324 -9.71 10.86 24.27
CA SER B 324 -9.25 9.58 23.74
C SER B 324 -9.65 8.44 24.65
N MSE B 325 -9.49 8.61 25.95
CA MSE B 325 -9.85 7.56 26.87
C MSE B 325 -11.36 7.33 26.87
O MSE B 325 -11.83 6.21 27.06
CB MSE B 325 -9.32 7.89 28.26
CG MSE B 325 -7.80 7.80 28.37
SE MSE B 325 -7.17 8.41 30.12
CE MSE B 325 -7.09 6.76 31.14
N LEU B 326 -12.12 8.39 26.62
CA LEU B 326 -13.56 8.21 26.49
C LEU B 326 -13.90 7.43 25.24
N ASN B 327 -13.03 7.46 24.24
CA ASN B 327 -13.20 6.65 23.04
C ASN B 327 -12.52 5.30 23.16
N HIS B 328 -12.10 4.94 24.38
CA HIS B 328 -11.50 3.65 24.71
C HIS B 328 -10.08 3.53 24.20
N THR B 329 -9.40 4.65 23.95
CA THR B 329 -8.00 4.61 23.53
C THR B 329 -7.11 4.57 24.75
N PRO B 330 -6.28 3.55 24.93
CA PRO B 330 -5.39 3.55 26.08
C PRO B 330 -4.28 4.58 25.91
N CYS B 331 -3.86 5.15 27.04
CA CYS B 331 -2.89 6.22 27.07
C CYS B 331 -1.66 5.77 27.84
N VAL B 332 -0.48 6.02 27.28
CA VAL B 332 0.79 5.75 27.93
C VAL B 332 1.45 7.09 28.23
N VAL B 333 1.73 7.35 29.51
CA VAL B 333 2.35 8.60 29.92
C VAL B 333 3.79 8.31 30.30
N LEU B 334 4.72 9.14 29.81
CA LEU B 334 6.15 8.94 30.05
C LEU B 334 6.55 9.74 31.29
N GLU B 335 6.73 9.04 32.41
CA GLU B 335 7.27 9.67 33.62
C GLU B 335 8.62 10.31 33.30
N GLY B 336 8.86 11.49 33.84
CA GLY B 336 10.10 12.20 33.60
C GLY B 336 10.11 13.05 32.35
N SER B 337 9.03 13.08 31.58
CA SER B 337 9.02 13.87 30.36
C SER B 337 8.52 15.29 30.59
N GLY B 338 8.16 15.63 31.82
CA GLY B 338 7.88 17.01 32.18
C GLY B 338 6.40 17.32 32.23
N ARG B 339 6.10 18.47 32.84
CA ARG B 339 4.78 19.10 32.81
C ARG B 339 3.63 18.10 33.03
N LEU B 340 2.65 18.03 32.11
CA LEU B 340 1.43 17.28 32.45
C LEU B 340 1.71 15.80 32.63
N ALA B 341 2.63 15.24 31.82
CA ALA B 341 2.92 13.81 31.90
C ALA B 341 3.45 13.44 33.27
N ASP B 342 4.28 14.31 33.84
CA ASP B 342 4.79 14.06 35.19
C ASP B 342 3.72 14.29 36.27
N VAL B 343 2.79 15.22 36.06
CA VAL B 343 1.68 15.39 37.00
C VAL B 343 0.87 14.09 37.08
N ILE B 344 0.52 13.53 35.92
CA ILE B 344 -0.28 12.31 35.84
C ILE B 344 0.50 11.13 36.43
N ALA B 345 1.78 11.00 36.04
CA ALA B 345 2.59 9.89 36.53
C ALA B 345 2.64 9.89 38.05
N HIS B 346 2.66 11.07 38.65
CA HIS B 346 2.74 11.12 40.10
C HIS B 346 1.43 10.64 40.74
N VAL B 347 0.29 11.18 40.29
CA VAL B 347 -0.98 10.78 40.90
C VAL B 347 -1.36 9.36 40.54
N ALA B 348 -0.75 8.79 39.50
CA ALA B 348 -1.08 7.43 39.12
C ALA B 348 -0.46 6.40 40.07
N SER B 349 0.57 6.78 40.83
CA SER B 349 1.28 5.88 41.73
C SER B 349 0.72 5.90 43.15
N VAL B 350 0.08 6.99 43.56
CA VAL B 350 -0.37 7.12 44.94
C VAL B 350 -1.70 6.39 45.10
N PRO B 351 -2.06 5.95 46.31
CA PRO B 351 -3.39 5.38 46.51
C PRO B 351 -4.47 6.40 46.12
N VAL B 352 -5.55 5.89 45.52
CA VAL B 352 -6.57 6.74 44.91
C VAL B 352 -7.07 7.80 45.89
N SER B 353 -7.24 7.45 47.16
CA SER B 353 -7.81 8.40 48.10
C SER B 353 -6.86 9.54 48.41
N LYS B 354 -5.59 9.42 48.06
CA LYS B 354 -4.61 10.46 48.33
C LYS B 354 -4.50 11.46 47.19
N VAL B 355 -5.25 11.28 46.11
CA VAL B 355 -5.23 12.23 44.99
C VAL B 355 -6.19 13.36 45.31
N THR B 356 -5.71 14.33 46.08
CA THR B 356 -6.50 15.46 46.54
C THR B 356 -6.31 16.65 45.61
N MSE B 357 -7.15 17.66 45.83
CA MSE B 357 -7.00 18.95 45.15
C MSE B 357 -5.68 19.60 45.49
O MSE B 357 -4.99 20.14 44.62
CB MSE B 357 -8.15 19.89 45.52
CG MSE B 357 -9.43 19.70 44.74
SE MSE B 357 -11.01 20.43 45.66
CE MSE B 357 -10.54 22.32 45.83
N ALA B 358 -5.31 19.53 46.78
CA ALA B 358 -4.05 20.12 47.22
C ALA B 358 -2.87 19.40 46.58
N LEU B 359 -2.90 18.06 46.55
CA LEU B 359 -1.81 17.33 45.90
C LEU B 359 -1.69 17.72 44.44
N ILE B 360 -2.80 17.81 43.73
CA ILE B 360 -2.71 18.13 42.32
C ILE B 360 -2.17 19.56 42.13
N ASN B 361 -2.61 20.48 42.98
CA ASN B 361 -2.12 21.86 42.92
C ASN B 361 -0.62 21.93 43.20
N ARG B 362 -0.15 21.23 44.23
CA ARG B 362 1.29 21.13 44.45
C ARG B 362 1.99 20.62 43.20
N LEU B 363 1.44 19.60 42.56
CA LEU B 363 2.09 19.03 41.38
C LEU B 363 2.07 19.99 40.21
N LEU B 364 1.00 20.78 40.05
CA LEU B 364 0.99 21.81 39.02
C LEU B 364 2.07 22.86 39.27
N LYS B 365 2.23 23.29 40.53
CA LYS B 365 3.28 24.24 40.85
C LYS B 365 4.65 23.66 40.54
N ARG B 366 4.85 22.38 40.88
CA ARG B 366 6.15 21.75 40.75
C ARG B 366 6.54 21.57 39.29
N PHE B 367 5.60 21.19 38.45
CA PHE B 367 5.93 20.77 37.08
C PHE B 367 5.59 21.82 36.03
N PHE B 368 4.81 22.85 36.39
CA PHE B 368 4.61 23.97 35.47
C PHE B 368 5.26 25.24 36.00
N MSE B 369 6.58 25.24 36.12
CA MSE B 369 7.27 26.33 36.82
C MSE B 369 7.03 27.68 36.17
O MSE B 369 6.72 28.64 36.86
CB MSE B 369 8.77 26.07 36.88
CG MSE B 369 9.21 25.33 38.12
SE MSE B 369 10.45 23.94 37.62
CE MSE B 369 9.32 22.94 36.38
N GLN B 370 7.20 27.74 34.86
CA GLN B 370 7.02 28.99 34.14
C GLN B 370 5.56 29.39 34.03
N GLU B 371 4.64 28.42 33.95
CA GLU B 371 3.26 28.66 33.55
C GLU B 371 2.29 28.79 34.70
N TYR B 372 2.58 28.15 35.85
CA TYR B 372 1.59 28.07 36.93
C TYR B 372 1.03 29.43 37.31
N LYS B 373 1.88 30.46 37.35
CA LYS B 373 1.43 31.80 37.75
C LYS B 373 0.38 32.39 36.82
N ASN B 374 0.17 31.82 35.63
CA ASN B 374 -0.86 32.25 34.70
C ASN B 374 -2.18 31.51 34.87
N PHE B 375 -2.18 30.40 35.59
CA PHE B 375 -3.38 29.60 35.75
C PHE B 375 -4.41 30.35 36.61
N THR B 376 -5.65 30.42 36.14
CA THR B 376 -6.72 30.99 36.97
C THR B 376 -7.26 29.94 37.94
N GLU B 377 -7.95 30.40 38.98
CA GLU B 377 -8.52 29.48 39.96
C GLU B 377 -9.54 28.58 39.31
N LEU B 378 -10.40 29.13 38.44
CA LEU B 378 -11.34 28.28 37.70
C LEU B 378 -10.61 27.23 36.87
N GLN B 379 -9.49 27.60 36.25
CA GLN B 379 -8.75 26.63 35.46
C GLN B 379 -8.24 25.50 36.32
N ILE B 380 -7.63 25.85 37.47
CA ILE B 380 -7.11 24.83 38.38
C ILE B 380 -8.20 23.87 38.77
N ILE B 381 -9.37 24.42 39.15
CA ILE B 381 -10.53 23.59 39.49
C ILE B 381 -10.85 22.65 38.34
N GLU B 382 -10.95 23.19 37.12
CA GLU B 382 -11.34 22.38 35.97
C GLU B 382 -10.34 21.26 35.71
N TRP B 383 -9.07 21.61 35.52
CA TRP B 383 -8.06 20.60 35.20
C TRP B 383 -7.91 19.58 36.33
N THR B 384 -8.07 20.00 37.57
CA THR B 384 -7.95 19.09 38.71
C THR B 384 -9.01 18.00 38.65
N LYS B 385 -10.24 18.36 38.34
CA LYS B 385 -11.25 17.31 38.28
C LYS B 385 -11.12 16.49 37.00
N LYS B 386 -10.59 17.08 35.92
CA LYS B 386 -10.35 16.27 34.74
C LYS B 386 -9.24 15.25 34.99
N ILE B 387 -8.24 15.61 35.80
CA ILE B 387 -7.21 14.65 36.18
C ILE B 387 -7.82 13.52 37.00
N GLN B 388 -8.73 13.85 37.93
CA GLN B 388 -9.33 12.80 38.74
C GLN B 388 -10.24 11.92 37.89
N ASP B 389 -11.00 12.52 36.96
CA ASP B 389 -11.79 11.73 36.01
C ASP B 389 -10.92 10.74 35.25
N ILE B 390 -9.78 11.21 34.76
CA ILE B 390 -8.86 10.36 34.03
C ILE B 390 -8.43 9.17 34.88
N LEU B 391 -8.07 9.43 36.14
CA LEU B 391 -7.66 8.34 37.03
C LEU B 391 -8.80 7.39 37.37
N ARG B 392 -10.04 7.73 37.04
CA ARG B 392 -11.16 6.80 37.23
C ARG B 392 -11.22 5.75 36.14
N MSE B 393 -10.36 5.83 35.14
CA MSE B 393 -10.30 4.79 34.13
C MSE B 393 -8.91 4.19 34.12
O MSE B 393 -8.15 4.38 33.18
CB MSE B 393 -10.64 5.37 32.75
CG MSE B 393 -11.94 6.15 32.76
SE MSE B 393 -12.40 6.91 31.00
CE MSE B 393 -12.01 8.79 31.38
N PRO B 394 -8.54 3.49 35.20
CA PRO B 394 -7.16 3.00 35.29
C PRO B 394 -6.86 1.93 34.27
N HIS B 395 -7.87 1.20 33.82
CA HIS B 395 -7.67 0.22 32.77
C HIS B 395 -7.22 0.83 31.45
N LEU B 396 -7.27 2.16 31.31
CA LEU B 396 -6.90 2.86 30.08
C LEU B 396 -5.69 3.76 30.29
N LEU B 397 -5.02 3.65 31.44
CA LEU B 397 -3.88 4.49 31.77
C LEU B 397 -2.69 3.61 32.16
N THR B 398 -1.52 3.94 31.63
CA THR B 398 -0.26 3.24 31.89
C THR B 398 0.81 4.30 32.04
N VAL B 399 1.66 4.17 33.05
CA VAL B 399 2.78 5.07 33.22
C VAL B 399 4.05 4.31 32.86
N PHE B 400 4.81 4.81 31.88
CA PHE B 400 6.14 4.25 31.65
C PHE B 400 7.12 4.90 32.64
N ARG B 401 7.82 4.11 33.42
CA ARG B 401 8.80 4.61 34.37
C ARG B 401 10.13 3.91 34.14
N ILE B 402 11.22 4.68 34.17
CA ILE B 402 12.55 4.09 34.10
C ILE B 402 12.82 3.29 35.37
N ASP B 403 13.37 2.09 35.20
CA ASP B 403 13.93 1.30 36.30
C ASP B 403 15.12 0.55 35.75
N GLU B 404 16.31 0.77 36.32
CA GLU B 404 17.53 0.23 35.74
C GLU B 404 17.77 -1.25 36.07
N ASP B 405 17.12 -1.78 37.11
CA ASP B 405 17.22 -3.21 37.37
C ASP B 405 16.29 -4.04 36.50
N LYS B 406 15.33 -3.39 35.83
CA LYS B 406 14.35 -4.02 34.95
C LYS B 406 14.62 -3.71 33.48
N ASN B 407 14.83 -2.43 33.15
CA ASN B 407 15.37 -2.00 31.87
C ASN B 407 14.46 -2.47 30.72
N TYR B 408 13.35 -1.79 30.52
CA TYR B 408 12.46 -2.06 29.39
C TYR B 408 12.33 -0.77 28.59
N ASP B 409 12.22 -0.90 27.27
CA ASP B 409 11.89 0.24 26.43
C ASP B 409 10.38 0.49 26.48
N VAL B 410 9.94 1.60 25.89
CA VAL B 410 8.52 1.94 25.96
C VAL B 410 7.66 1.01 25.11
N ASP B 411 8.27 0.10 24.36
CA ASP B 411 7.47 -0.85 23.60
C ASP B 411 6.69 -1.75 24.55
N VAL B 412 7.32 -2.21 25.63
CA VAL B 412 6.62 -3.02 26.62
C VAL B 412 5.43 -2.25 27.22
N ALA B 413 5.62 -0.99 27.57
CA ALA B 413 4.52 -0.21 28.13
C ALA B 413 3.38 -0.04 27.13
N ILE B 414 3.70 0.10 25.85
CA ILE B 414 2.68 0.20 24.81
C ILE B 414 1.90 -1.11 24.71
N LEU B 415 2.60 -2.25 24.73
CA LEU B 415 1.90 -3.52 24.63
C LEU B 415 1.06 -3.79 25.87
N GLN B 416 1.61 -3.50 27.06
CA GLN B 416 0.84 -3.66 28.30
C GLN B 416 -0.40 -2.78 28.29
N ALA B 417 -0.27 -1.55 27.77
CA ALA B 417 -1.42 -0.69 27.58
C ALA B 417 -2.48 -1.37 26.73
N LEU B 418 -2.09 -1.85 25.54
CA LEU B 418 -3.03 -2.46 24.60
C LEU B 418 -3.69 -3.68 25.20
N LEU B 419 -2.92 -4.48 25.93
CA LEU B 419 -3.46 -5.69 26.53
C LEU B 419 -4.37 -5.35 27.70
N LYS B 420 -4.02 -4.32 28.49
CA LYS B 420 -4.86 -3.93 29.61
C LYS B 420 -6.19 -3.35 29.14
N ALA B 421 -6.18 -2.65 28.00
CA ALA B 421 -7.43 -2.13 27.45
C ALA B 421 -8.29 -3.24 26.87
N SER B 422 -7.65 -4.27 26.33
CA SER B 422 -8.37 -5.42 25.79
C SER B 422 -8.95 -6.28 26.92
N ARG B 423 -8.10 -6.73 27.84
CA ARG B 423 -8.47 -7.63 28.93
C ARG B 423 -9.71 -7.14 29.69
ZN ZN C . -5.20 -38.56 -6.43
ZN ZN D . -11.44 37.21 6.28
#